data_2EOG
#
_entry.id   2EOG
#
loop_
_entity.id
_entity.type
_entity.pdbx_description
1 polymer 'Zinc finger protein 268'
2 non-polymer 'ZINC ION'
#
_entity_poly.entity_id   1
_entity_poly.type   'polypeptide(L)'
_entity_poly.pdbx_seq_one_letter_code
;GSSGSSGVKPYGCSECGKAFRSKSYLIIHMRTHTGEKPSGPSSG
;
_entity_poly.pdbx_strand_id   A
#
# COMPACT_ATOMS: atom_id res chain seq x y z
N GLY A 1 -19.29 -26.60 6.81
CA GLY A 1 -17.90 -26.49 6.42
C GLY A 1 -17.73 -26.15 4.94
N SER A 2 -16.94 -25.13 4.65
CA SER A 2 -16.72 -24.71 3.28
C SER A 2 -15.29 -24.19 3.11
N SER A 3 -14.87 -24.02 1.85
CA SER A 3 -13.54 -23.55 1.55
C SER A 3 -13.11 -22.47 2.54
N GLY A 4 -11.97 -22.70 3.19
CA GLY A 4 -11.47 -21.74 4.17
C GLY A 4 -10.01 -21.41 3.94
N SER A 5 -9.74 -20.40 3.12
CA SER A 5 -8.37 -19.99 2.84
C SER A 5 -7.98 -18.77 3.66
N SER A 6 -6.70 -18.69 4.00
CA SER A 6 -6.20 -17.57 4.81
C SER A 6 -5.73 -16.43 3.91
N GLY A 7 -4.94 -16.76 2.90
CA GLY A 7 -4.43 -15.76 1.98
C GLY A 7 -3.57 -14.72 2.68
N VAL A 8 -2.26 -14.90 2.60
CA VAL A 8 -1.32 -13.98 3.23
C VAL A 8 -0.20 -13.57 2.25
N LYS A 9 0.47 -12.47 2.56
CA LYS A 9 1.55 -11.98 1.72
C LYS A 9 2.62 -11.29 2.56
N PRO A 10 3.86 -11.30 2.06
CA PRO A 10 5.00 -10.68 2.75
C PRO A 10 4.90 -9.15 2.76
N TYR A 11 3.95 -8.63 2.00
CA TYR A 11 3.76 -7.18 1.91
C TYR A 11 2.30 -6.81 2.11
N GLY A 12 2.05 -5.82 2.95
CA GLY A 12 0.68 -5.38 3.22
C GLY A 12 0.62 -3.94 3.67
N CYS A 13 0.48 -3.03 2.72
CA CYS A 13 0.40 -1.61 3.03
C CYS A 13 -0.50 -1.36 4.25
N SER A 14 -0.13 -0.37 5.05
CA SER A 14 -0.91 -0.04 6.25
C SER A 14 -1.83 1.14 5.99
N GLU A 15 -1.31 2.16 5.30
CA GLU A 15 -2.08 3.35 4.99
C GLU A 15 -3.52 2.98 4.63
N CYS A 16 -3.68 2.18 3.58
CA CYS A 16 -4.99 1.75 3.13
C CYS A 16 -5.33 0.37 3.68
N GLY A 17 -4.37 -0.54 3.62
CA GLY A 17 -4.59 -1.89 4.10
C GLY A 17 -4.72 -2.90 2.98
N LYS A 18 -3.85 -2.78 1.99
CA LYS A 18 -3.86 -3.70 0.85
C LYS A 18 -2.64 -4.61 0.86
N ALA A 19 -2.58 -5.51 -0.11
CA ALA A 19 -1.45 -6.44 -0.22
C ALA A 19 -0.97 -6.56 -1.65
N PHE A 20 0.27 -7.00 -1.83
CA PHE A 20 0.85 -7.16 -3.16
C PHE A 20 1.80 -8.35 -3.20
N ARG A 21 1.42 -9.38 -3.94
CA ARG A 21 2.24 -10.59 -4.06
C ARG A 21 3.71 -10.22 -4.21
N SER A 22 4.00 -9.19 -5.00
CA SER A 22 5.36 -8.75 -5.23
C SER A 22 5.62 -7.41 -4.56
N LYS A 23 6.88 -7.10 -4.32
CA LYS A 23 7.26 -5.84 -3.68
C LYS A 23 6.99 -4.66 -4.60
N SER A 24 7.55 -4.72 -5.81
CA SER A 24 7.35 -3.64 -6.78
C SER A 24 5.93 -3.13 -6.75
N TYR A 25 4.96 -4.03 -6.87
CA TYR A 25 3.56 -3.67 -6.86
C TYR A 25 3.26 -2.69 -5.73
N LEU A 26 3.71 -3.03 -4.53
CA LEU A 26 3.50 -2.19 -3.36
C LEU A 26 4.02 -0.77 -3.60
N ILE A 27 5.31 -0.66 -3.88
CA ILE A 27 5.93 0.62 -4.13
C ILE A 27 5.08 1.46 -5.09
N ILE A 28 4.92 0.96 -6.31
CA ILE A 28 4.12 1.66 -7.32
C ILE A 28 2.85 2.25 -6.71
N HIS A 29 2.25 1.51 -5.80
CA HIS A 29 1.02 1.96 -5.13
C HIS A 29 1.32 3.07 -4.13
N MET A 30 2.30 2.83 -3.26
CA MET A 30 2.69 3.81 -2.25
C MET A 30 2.71 5.22 -2.85
N ARG A 31 3.09 5.32 -4.12
CA ARG A 31 3.16 6.61 -4.79
C ARG A 31 1.96 7.47 -4.43
N THR A 32 0.77 6.88 -4.52
CA THR A 32 -0.46 7.60 -4.20
C THR A 32 -0.43 8.17 -2.79
N HIS A 33 -0.05 7.33 -1.83
CA HIS A 33 0.03 7.74 -0.43
C HIS A 33 1.04 8.87 -0.26
N THR A 34 2.28 8.62 -0.70
CA THR A 34 3.34 9.61 -0.59
C THR A 34 2.92 10.95 -1.19
N GLY A 35 2.52 10.92 -2.46
CA GLY A 35 2.10 12.13 -3.13
C GLY A 35 0.70 12.55 -2.73
N GLU A 36 0.35 13.81 -3.01
CA GLU A 36 -0.96 14.32 -2.67
C GLU A 36 -2.06 13.34 -3.06
N LYS A 37 -3.25 13.53 -2.52
CA LYS A 37 -4.38 12.66 -2.82
C LYS A 37 -4.07 11.22 -2.42
N PRO A 38 -3.67 11.01 -1.16
CA PRO A 38 -3.33 9.69 -0.64
C PRO A 38 -4.57 8.79 -0.50
N SER A 39 -5.63 9.35 0.05
CA SER A 39 -6.86 8.60 0.25
C SER A 39 -7.85 8.84 -0.90
N GLY A 40 -8.07 7.81 -1.70
CA GLY A 40 -8.98 7.93 -2.83
C GLY A 40 -10.22 7.07 -2.68
N PRO A 41 -10.17 5.85 -3.24
CA PRO A 41 -11.29 4.91 -3.17
C PRO A 41 -11.51 4.36 -1.77
N SER A 42 -10.55 4.63 -0.89
CA SER A 42 -10.62 4.16 0.49
C SER A 42 -11.63 4.98 1.30
N SER A 43 -12.90 4.56 1.24
CA SER A 43 -13.95 5.26 1.96
C SER A 43 -14.32 4.53 3.25
N GLY A 44 -14.80 3.29 3.11
CA GLY A 44 -15.17 2.51 4.27
C GLY A 44 -16.27 1.52 3.97
N GLY A 1 2.09 -28.03 18.93
CA GLY A 1 2.29 -27.44 17.61
C GLY A 1 1.01 -26.82 17.06
N SER A 2 1.05 -26.43 15.79
CA SER A 2 -0.09 -25.82 15.14
C SER A 2 -0.12 -26.15 13.65
N SER A 3 -1.17 -26.84 13.22
CA SER A 3 -1.32 -27.22 11.82
C SER A 3 -1.98 -26.10 11.01
N GLY A 4 -1.17 -25.29 10.34
CA GLY A 4 -1.70 -24.20 9.55
C GLY A 4 -0.61 -23.36 8.92
N SER A 5 0.12 -22.61 9.74
CA SER A 5 1.19 -21.75 9.26
C SER A 5 0.71 -20.87 8.11
N SER A 6 -0.47 -20.28 8.29
CA SER A 6 -1.05 -19.41 7.27
C SER A 6 0.02 -18.54 6.63
N GLY A 7 0.22 -18.71 5.33
CA GLY A 7 1.21 -17.93 4.62
C GLY A 7 0.65 -16.63 4.08
N VAL A 8 1.31 -15.52 4.40
CA VAL A 8 0.87 -14.21 3.95
C VAL A 8 1.98 -13.50 3.17
N LYS A 9 1.59 -12.48 2.40
CA LYS A 9 2.55 -11.72 1.61
C LYS A 9 3.48 -10.92 2.50
N PRO A 10 4.75 -10.81 2.08
CA PRO A 10 5.78 -10.06 2.83
C PRO A 10 5.52 -8.56 2.81
N TYR A 11 4.68 -8.12 1.90
CA TYR A 11 4.37 -6.70 1.77
C TYR A 11 2.90 -6.43 2.10
N GLY A 12 2.59 -5.20 2.48
CA GLY A 12 1.22 -4.84 2.81
C GLY A 12 1.07 -3.37 3.11
N CYS A 13 0.03 -2.75 2.57
CA CYS A 13 -0.22 -1.33 2.78
C CYS A 13 -0.83 -1.10 4.16
N SER A 14 -0.14 -0.30 4.97
CA SER A 14 -0.61 0.00 6.33
C SER A 14 -1.28 1.38 6.36
N GLU A 15 -2.03 1.69 5.33
CA GLU A 15 -2.72 2.98 5.25
C GLU A 15 -4.22 2.78 5.02
N CYS A 16 -4.55 2.03 3.97
CA CYS A 16 -5.96 1.76 3.65
C CYS A 16 -6.31 0.31 3.91
N GLY A 17 -5.43 -0.60 3.50
CA GLY A 17 -5.66 -2.01 3.70
C GLY A 17 -5.55 -2.81 2.41
N LYS A 18 -4.33 -3.18 2.05
CA LYS A 18 -4.10 -3.95 0.83
C LYS A 18 -2.79 -4.73 0.92
N ALA A 19 -2.60 -5.66 -0.01
CA ALA A 19 -1.38 -6.46 -0.04
C ALA A 19 -0.72 -6.41 -1.41
N PHE A 20 0.48 -6.99 -1.51
CA PHE A 20 1.22 -7.00 -2.76
C PHE A 20 2.11 -8.24 -2.85
N ARG A 21 1.93 -9.02 -3.91
CA ARG A 21 2.72 -10.23 -4.11
C ARG A 21 4.21 -9.89 -4.21
N SER A 22 4.51 -8.71 -4.73
CA SER A 22 5.88 -8.28 -4.89
C SER A 22 6.10 -6.90 -4.26
N LYS A 23 7.33 -6.42 -4.31
CA LYS A 23 7.67 -5.12 -3.75
C LYS A 23 7.17 -3.99 -4.65
N SER A 24 7.31 -4.17 -5.95
CA SER A 24 6.87 -3.17 -6.92
C SER A 24 5.37 -2.90 -6.78
N TYR A 25 4.59 -3.97 -6.79
CA TYR A 25 3.14 -3.86 -6.67
C TYR A 25 2.76 -2.92 -5.54
N LEU A 26 3.61 -2.86 -4.52
CA LEU A 26 3.37 -1.99 -3.37
C LEU A 26 3.72 -0.54 -3.69
N ILE A 27 4.88 -0.34 -4.31
CA ILE A 27 5.33 1.00 -4.68
C ILE A 27 4.34 1.67 -5.61
N ILE A 28 3.80 0.90 -6.55
CA ILE A 28 2.84 1.41 -7.51
C ILE A 28 1.58 1.91 -6.81
N HIS A 29 1.28 1.32 -5.65
CA HIS A 29 0.10 1.71 -4.88
C HIS A 29 0.46 2.73 -3.81
N MET A 30 1.74 2.78 -3.44
CA MET A 30 2.21 3.72 -2.44
C MET A 30 2.42 5.11 -3.03
N ARG A 31 3.13 5.16 -4.16
CA ARG A 31 3.41 6.43 -4.83
C ARG A 31 2.21 7.37 -4.72
N THR A 32 1.01 6.80 -4.76
CA THR A 32 -0.21 7.59 -4.67
C THR A 32 -0.45 8.06 -3.24
N HIS A 33 -0.36 7.14 -2.29
CA HIS A 33 -0.57 7.47 -0.88
C HIS A 33 0.35 8.61 -0.45
N THR A 34 1.64 8.43 -0.68
CA THR A 34 2.63 9.45 -0.31
C THR A 34 4.01 9.08 -0.82
N GLY A 35 4.79 10.09 -1.18
CA GLY A 35 6.14 9.85 -1.68
C GLY A 35 6.18 9.78 -3.20
N GLU A 36 7.32 10.16 -3.77
CA GLU A 36 7.48 10.12 -5.22
C GLU A 36 6.19 10.54 -5.92
N LYS A 37 5.54 11.56 -5.40
CA LYS A 37 4.30 12.06 -5.97
C LYS A 37 4.52 13.40 -6.66
N PRO A 38 5.03 13.36 -7.90
CA PRO A 38 5.30 14.56 -8.70
C PRO A 38 4.01 15.25 -9.15
N SER A 39 2.96 14.46 -9.30
CA SER A 39 1.67 15.01 -9.73
C SER A 39 1.00 15.80 -8.61
N GLY A 40 0.30 16.86 -8.98
CA GLY A 40 -0.38 17.68 -7.99
C GLY A 40 -1.86 17.39 -7.92
N PRO A 41 -2.67 18.18 -8.63
CA PRO A 41 -4.12 18.03 -8.67
C PRO A 41 -4.56 16.75 -9.38
N SER A 42 -4.03 16.55 -10.59
CA SER A 42 -4.38 15.38 -11.38
C SER A 42 -5.82 14.96 -11.16
N SER A 43 -6.73 15.93 -11.22
CA SER A 43 -8.15 15.67 -11.01
C SER A 43 -8.78 15.10 -12.27
N GLY A 44 -8.13 14.10 -12.86
CA GLY A 44 -8.65 13.49 -14.06
C GLY A 44 -9.36 14.47 -14.97
N GLY A 1 -15.39 -18.54 19.87
CA GLY A 1 -14.53 -17.96 18.87
C GLY A 1 -14.16 -18.94 17.78
N SER A 2 -14.19 -18.48 16.54
CA SER A 2 -13.87 -19.33 15.39
C SER A 2 -13.81 -18.51 14.10
N SER A 3 -12.60 -18.29 13.60
CA SER A 3 -12.41 -17.51 12.38
C SER A 3 -12.15 -18.44 11.19
N GLY A 4 -12.67 -18.05 10.02
CA GLY A 4 -12.47 -18.85 8.83
C GLY A 4 -11.81 -18.08 7.71
N SER A 5 -10.59 -17.60 7.96
CA SER A 5 -9.86 -16.84 6.97
C SER A 5 -8.46 -17.42 6.75
N SER A 6 -7.86 -17.09 5.62
CA SER A 6 -6.53 -17.59 5.29
C SER A 6 -5.93 -16.82 4.11
N GLY A 7 -4.64 -16.55 4.19
CA GLY A 7 -3.97 -15.82 3.12
C GLY A 7 -3.42 -14.48 3.58
N VAL A 8 -2.11 -14.30 3.45
CA VAL A 8 -1.48 -13.06 3.86
C VAL A 8 -0.14 -12.87 3.15
N LYS A 9 -0.04 -11.80 2.36
CA LYS A 9 1.18 -11.50 1.62
C LYS A 9 2.18 -10.76 2.50
N PRO A 10 3.48 -10.95 2.21
CA PRO A 10 4.55 -10.31 2.96
C PRO A 10 4.62 -8.81 2.73
N TYR A 11 3.87 -8.34 1.72
CA TYR A 11 3.84 -6.92 1.39
C TYR A 11 2.42 -6.36 1.50
N GLY A 12 2.00 -6.07 2.73
CA GLY A 12 0.67 -5.53 2.95
C GLY A 12 0.68 -4.05 3.29
N CYS A 13 0.22 -3.22 2.36
CA CYS A 13 0.19 -1.78 2.57
C CYS A 13 -0.32 -1.45 3.97
N SER A 14 0.56 -0.91 4.80
CA SER A 14 0.20 -0.54 6.17
C SER A 14 -0.26 0.91 6.25
N GLU A 15 -1.04 1.34 5.25
CA GLU A 15 -1.53 2.71 5.20
C GLU A 15 -3.05 2.73 5.02
N CYS A 16 -3.53 1.97 4.05
CA CYS A 16 -4.97 1.90 3.76
C CYS A 16 -5.49 0.49 4.01
N GLY A 17 -4.75 -0.51 3.54
CA GLY A 17 -5.17 -1.89 3.72
C GLY A 17 -5.19 -2.66 2.41
N LYS A 18 -4.00 -2.91 1.86
CA LYS A 18 -3.89 -3.64 0.60
C LYS A 18 -2.84 -4.74 0.71
N ALA A 19 -2.77 -5.58 -0.31
CA ALA A 19 -1.81 -6.67 -0.34
C ALA A 19 -1.16 -6.82 -1.72
N PHE A 20 0.11 -7.20 -1.74
CA PHE A 20 0.83 -7.37 -2.99
C PHE A 20 1.79 -8.56 -2.90
N ARG A 21 1.98 -9.23 -4.03
CA ARG A 21 2.88 -10.39 -4.09
C ARG A 21 4.27 -9.98 -4.58
N SER A 22 4.55 -8.68 -4.53
CA SER A 22 5.84 -8.16 -4.97
C SER A 22 6.11 -6.79 -4.36
N LYS A 23 7.21 -6.69 -3.62
CA LYS A 23 7.59 -5.43 -2.99
C LYS A 23 7.28 -4.25 -3.90
N SER A 24 7.64 -4.37 -5.17
CA SER A 24 7.42 -3.31 -6.14
C SER A 24 5.93 -2.97 -6.23
N TYR A 25 5.12 -3.95 -6.63
CA TYR A 25 3.69 -3.75 -6.75
C TYR A 25 3.16 -2.80 -5.67
N LEU A 26 3.65 -2.99 -4.44
CA LEU A 26 3.24 -2.15 -3.32
C LEU A 26 3.55 -0.69 -3.60
N ILE A 27 4.82 -0.40 -3.88
CA ILE A 27 5.24 0.97 -4.16
C ILE A 27 4.32 1.64 -5.17
N ILE A 28 4.23 1.05 -6.36
CA ILE A 28 3.37 1.60 -7.41
C ILE A 28 2.01 2.01 -6.86
N HIS A 29 1.63 1.40 -5.74
CA HIS A 29 0.36 1.71 -5.10
C HIS A 29 0.53 2.74 -3.99
N MET A 30 1.69 2.70 -3.34
CA MET A 30 1.98 3.63 -2.26
C MET A 30 2.21 5.04 -2.80
N ARG A 31 2.76 5.12 -4.01
CA ARG A 31 3.04 6.40 -4.64
C ARG A 31 1.88 7.38 -4.42
N THR A 32 0.66 6.86 -4.53
CA THR A 32 -0.53 7.69 -4.35
C THR A 32 -0.61 8.24 -2.93
N HIS A 33 -0.48 7.34 -1.95
CA HIS A 33 -0.53 7.74 -0.55
C HIS A 33 0.46 8.86 -0.27
N THR A 34 1.68 8.71 -0.76
CA THR A 34 2.73 9.71 -0.56
C THR A 34 3.49 9.98 -1.85
N GLY A 35 3.69 11.25 -2.17
CA GLY A 35 4.40 11.63 -3.37
C GLY A 35 4.02 13.01 -3.86
N GLU A 36 2.72 13.26 -3.97
CA GLU A 36 2.24 14.56 -4.43
C GLU A 36 2.84 15.69 -3.62
N LYS A 37 3.80 16.40 -4.22
CA LYS A 37 4.45 17.51 -3.55
C LYS A 37 3.47 18.28 -2.67
N PRO A 38 3.96 18.79 -1.53
CA PRO A 38 3.14 19.56 -0.59
C PRO A 38 2.75 20.92 -1.14
N SER A 39 3.26 21.26 -2.32
CA SER A 39 2.96 22.53 -2.96
C SER A 39 2.62 22.34 -4.43
N GLY A 40 1.38 22.63 -4.79
CA GLY A 40 0.95 22.49 -6.17
C GLY A 40 -0.51 22.87 -6.37
N PRO A 41 -1.04 22.57 -7.57
CA PRO A 41 -2.43 22.88 -7.90
C PRO A 41 -3.42 22.02 -7.13
N SER A 42 -2.91 21.04 -6.39
CA SER A 42 -3.75 20.15 -5.60
C SER A 42 -3.80 20.61 -4.15
N SER A 43 -4.97 21.10 -3.73
CA SER A 43 -5.16 21.57 -2.36
C SER A 43 -5.18 20.40 -1.38
N GLY A 44 -4.08 20.23 -0.65
CA GLY A 44 -4.00 19.15 0.32
C GLY A 44 -2.87 18.19 0.00
N GLY A 1 -16.17 -18.55 2.95
CA GLY A 1 -16.57 -18.32 1.57
C GLY A 1 -15.43 -18.54 0.59
N SER A 2 -15.77 -18.77 -0.67
CA SER A 2 -14.76 -19.00 -1.70
C SER A 2 -14.75 -17.85 -2.71
N SER A 3 -14.00 -16.80 -2.38
CA SER A 3 -13.92 -15.64 -3.26
C SER A 3 -12.45 -15.34 -3.60
N GLY A 4 -11.69 -16.38 -3.88
CA GLY A 4 -10.28 -16.21 -4.22
C GLY A 4 -9.37 -16.56 -3.07
N SER A 5 -8.08 -16.71 -3.36
CA SER A 5 -7.09 -17.05 -2.35
C SER A 5 -6.68 -15.82 -1.55
N SER A 6 -6.94 -15.85 -0.25
CA SER A 6 -6.60 -14.73 0.62
C SER A 6 -5.80 -15.21 1.84
N GLY A 7 -4.48 -15.23 1.70
CA GLY A 7 -3.63 -15.66 2.79
C GLY A 7 -2.88 -14.52 3.45
N VAL A 8 -1.62 -14.74 3.77
CA VAL A 8 -0.80 -13.73 4.41
C VAL A 8 0.42 -13.39 3.55
N LYS A 9 0.40 -12.20 2.94
CA LYS A 9 1.50 -11.76 2.10
C LYS A 9 2.53 -10.96 2.91
N PRO A 10 3.79 -11.03 2.49
CA PRO A 10 4.89 -10.33 3.16
C PRO A 10 4.81 -8.82 2.98
N TYR A 11 4.10 -8.40 1.94
CA TYR A 11 3.94 -6.97 1.65
C TYR A 11 2.51 -6.52 1.89
N GLY A 12 2.31 -5.70 2.92
CA GLY A 12 0.99 -5.21 3.23
C GLY A 12 0.97 -3.72 3.47
N CYS A 13 0.34 -2.97 2.55
CA CYS A 13 0.26 -1.53 2.66
C CYS A 13 -0.14 -1.11 4.08
N SER A 14 0.56 -0.12 4.62
CA SER A 14 0.28 0.36 5.97
C SER A 14 -0.37 1.74 5.93
N GLU A 15 -1.32 1.90 5.00
CA GLU A 15 -2.03 3.17 4.86
C GLU A 15 -3.54 2.94 4.74
N CYS A 16 -3.91 2.00 3.88
CA CYS A 16 -5.32 1.67 3.66
C CYS A 16 -5.61 0.21 3.99
N GLY A 17 -4.74 -0.68 3.52
CA GLY A 17 -4.92 -2.10 3.76
C GLY A 17 -5.01 -2.90 2.49
N LYS A 18 -3.85 -3.29 1.96
CA LYS A 18 -3.79 -4.08 0.73
C LYS A 18 -2.51 -4.91 0.67
N ALA A 19 -2.52 -5.94 -0.16
CA ALA A 19 -1.36 -6.80 -0.31
C ALA A 19 -0.86 -6.80 -1.75
N PHE A 20 0.34 -7.34 -1.96
CA PHE A 20 0.93 -7.40 -3.29
C PHE A 20 1.97 -8.51 -3.38
N ARG A 21 1.68 -9.53 -4.17
CA ARG A 21 2.58 -10.67 -4.33
C ARG A 21 4.02 -10.19 -4.50
N SER A 22 4.18 -9.00 -5.07
CA SER A 22 5.50 -8.43 -5.29
C SER A 22 5.67 -7.12 -4.52
N LYS A 23 6.91 -6.78 -4.20
CA LYS A 23 7.21 -5.56 -3.46
C LYS A 23 6.93 -4.33 -4.32
N SER A 24 7.23 -4.44 -5.60
CA SER A 24 7.02 -3.34 -6.54
C SER A 24 5.56 -2.89 -6.53
N TYR A 25 4.67 -3.83 -6.82
CA TYR A 25 3.24 -3.55 -6.84
C TYR A 25 2.83 -2.66 -5.67
N LEU A 26 3.45 -2.92 -4.51
CA LEU A 26 3.16 -2.14 -3.31
C LEU A 26 3.64 -0.71 -3.44
N ILE A 27 4.89 -0.55 -3.89
CA ILE A 27 5.47 0.76 -4.07
C ILE A 27 4.55 1.68 -4.87
N ILE A 28 4.28 1.29 -6.11
CA ILE A 28 3.41 2.07 -6.98
C ILE A 28 2.09 2.40 -6.29
N HIS A 29 1.64 1.48 -5.43
CA HIS A 29 0.39 1.68 -4.70
C HIS A 29 0.58 2.66 -3.55
N MET A 30 1.83 2.82 -3.11
CA MET A 30 2.14 3.73 -2.02
C MET A 30 2.50 5.11 -2.55
N ARG A 31 3.53 5.17 -3.39
CA ARG A 31 3.97 6.43 -3.97
C ARG A 31 2.79 7.34 -4.27
N THR A 32 1.67 6.73 -4.64
CA THR A 32 0.46 7.49 -4.96
C THR A 32 -0.20 8.03 -3.69
N HIS A 33 -0.30 7.18 -2.67
CA HIS A 33 -0.90 7.57 -1.40
C HIS A 33 -0.43 8.94 -0.97
N THR A 34 0.89 9.08 -0.80
CA THR A 34 1.48 10.35 -0.38
C THR A 34 2.39 10.90 -1.46
N GLY A 35 3.40 10.13 -1.84
CA GLY A 35 4.33 10.56 -2.86
C GLY A 35 4.87 11.95 -2.60
N GLU A 36 5.78 12.06 -1.63
CA GLU A 36 6.38 13.34 -1.28
C GLU A 36 7.88 13.22 -1.13
N LYS A 37 8.50 12.47 -2.03
CA LYS A 37 9.95 12.27 -2.00
C LYS A 37 10.58 12.68 -3.33
N PRO A 38 10.77 14.00 -3.51
CA PRO A 38 11.36 14.55 -4.74
C PRO A 38 12.85 14.22 -4.85
N SER A 39 13.44 13.78 -3.75
CA SER A 39 14.86 13.43 -3.73
C SER A 39 15.29 12.83 -5.07
N GLY A 40 16.16 13.56 -5.77
CA GLY A 40 16.63 13.09 -7.06
C GLY A 40 16.80 14.22 -8.06
N PRO A 41 17.86 15.01 -7.91
CA PRO A 41 18.14 16.14 -8.80
C PRO A 41 18.55 15.68 -10.19
N SER A 42 19.25 14.56 -10.26
CA SER A 42 19.70 14.01 -11.54
C SER A 42 18.61 13.21 -12.22
N SER A 43 18.02 12.27 -11.47
CA SER A 43 16.95 11.43 -12.00
C SER A 43 15.72 12.26 -12.34
N GLY A 44 15.32 13.13 -11.41
CA GLY A 44 14.16 13.97 -11.62
C GLY A 44 14.27 14.78 -12.89
N GLY A 1 -13.66 -6.09 11.22
CA GLY A 1 -13.01 -6.80 12.31
C GLY A 1 -12.10 -7.91 11.81
N SER A 2 -10.83 -7.58 11.59
CA SER A 2 -9.86 -8.56 11.10
C SER A 2 -8.66 -8.63 12.04
N SER A 3 -8.64 -9.64 12.90
CA SER A 3 -7.56 -9.82 13.85
C SER A 3 -7.23 -11.30 14.04
N GLY A 4 -5.96 -11.60 14.26
CA GLY A 4 -5.54 -12.98 14.46
C GLY A 4 -4.34 -13.35 13.60
N SER A 5 -4.61 -14.04 12.49
CA SER A 5 -3.54 -14.46 11.59
C SER A 5 -2.73 -13.25 11.12
N SER A 6 -1.42 -13.44 10.98
CA SER A 6 -0.53 -12.38 10.54
C SER A 6 -0.49 -12.30 9.02
N GLY A 7 -1.67 -12.15 8.41
CA GLY A 7 -1.75 -12.08 6.95
C GLY A 7 -1.01 -13.20 6.27
N VAL A 8 -1.10 -13.25 4.94
CA VAL A 8 -0.44 -14.30 4.16
C VAL A 8 0.33 -13.69 3.00
N LYS A 9 0.88 -12.50 3.21
CA LYS A 9 1.65 -11.81 2.18
C LYS A 9 2.89 -11.15 2.77
N PRO A 10 3.99 -11.16 2.01
CA PRO A 10 5.25 -10.55 2.43
C PRO A 10 5.18 -9.03 2.49
N TYR A 11 4.27 -8.45 1.71
CA TYR A 11 4.11 -7.01 1.68
C TYR A 11 2.64 -6.62 1.85
N GLY A 12 2.40 -5.55 2.59
CA GLY A 12 1.03 -5.10 2.81
C GLY A 12 0.97 -3.63 3.18
N CYS A 13 0.06 -2.90 2.53
CA CYS A 13 -0.10 -1.48 2.79
C CYS A 13 -0.99 -1.25 4.00
N SER A 14 -0.41 -0.74 5.08
CA SER A 14 -1.15 -0.47 6.31
C SER A 14 -1.98 0.79 6.17
N GLU A 15 -1.42 1.80 5.52
CA GLU A 15 -2.12 3.06 5.33
C GLU A 15 -3.60 2.83 5.05
N CYS A 16 -3.89 2.06 4.00
CA CYS A 16 -5.26 1.77 3.62
C CYS A 16 -5.63 0.33 3.98
N GLY A 17 -4.69 -0.59 3.73
CA GLY A 17 -4.93 -1.98 4.04
C GLY A 17 -5.02 -2.84 2.78
N LYS A 18 -3.88 -3.09 2.15
CA LYS A 18 -3.84 -3.90 0.95
C LYS A 18 -2.66 -4.87 0.97
N ALA A 19 -2.54 -5.68 -0.08
CA ALA A 19 -1.45 -6.64 -0.17
C ALA A 19 -0.91 -6.73 -1.60
N PHE A 20 0.33 -7.16 -1.74
CA PHE A 20 0.96 -7.29 -3.04
C PHE A 20 1.97 -8.44 -3.05
N ARG A 21 1.64 -9.49 -3.81
CA ARG A 21 2.50 -10.66 -3.89
C ARG A 21 3.97 -10.25 -3.94
N SER A 22 4.26 -9.19 -4.69
CA SER A 22 5.64 -8.70 -4.82
C SER A 22 5.77 -7.33 -4.16
N LYS A 23 7.02 -6.87 -4.03
CA LYS A 23 7.30 -5.57 -3.42
C LYS A 23 7.00 -4.44 -4.40
N SER A 24 7.60 -4.52 -5.59
CA SER A 24 7.40 -3.50 -6.61
C SER A 24 5.94 -3.07 -6.67
N TYR A 25 5.05 -4.04 -6.71
CA TYR A 25 3.61 -3.77 -6.77
C TYR A 25 3.21 -2.76 -5.69
N LEU A 26 3.68 -2.98 -4.47
CA LEU A 26 3.37 -2.11 -3.35
C LEU A 26 3.69 -0.66 -3.70
N ILE A 27 4.94 -0.40 -4.06
CA ILE A 27 5.38 0.94 -4.42
C ILE A 27 4.41 1.59 -5.40
N ILE A 28 4.20 0.93 -6.54
CA ILE A 28 3.30 1.44 -7.56
C ILE A 28 2.02 1.99 -6.94
N HIS A 29 1.68 1.49 -5.76
CA HIS A 29 0.48 1.93 -5.05
C HIS A 29 0.82 3.00 -4.01
N MET A 30 2.00 2.89 -3.41
CA MET A 30 2.44 3.84 -2.41
C MET A 30 2.69 5.21 -3.03
N ARG A 31 3.14 5.22 -4.28
CA ARG A 31 3.42 6.45 -4.99
C ARG A 31 2.29 7.46 -4.79
N THR A 32 1.06 6.95 -4.67
CA THR A 32 -0.10 7.81 -4.47
C THR A 32 -0.22 8.26 -3.03
N HIS A 33 -0.19 7.29 -2.10
CA HIS A 33 -0.30 7.59 -0.68
C HIS A 33 0.60 8.75 -0.30
N THR A 34 1.90 8.63 -0.60
CA THR A 34 2.86 9.68 -0.29
C THR A 34 3.35 10.35 -1.55
N GLY A 35 3.68 11.65 -1.44
CA GLY A 35 4.16 12.40 -2.58
C GLY A 35 3.06 12.70 -3.59
N GLU A 36 1.92 13.15 -3.09
CA GLU A 36 0.79 13.47 -3.95
C GLU A 36 0.34 14.92 -3.76
N LYS A 37 1.18 15.85 -4.22
CA LYS A 37 0.88 17.27 -4.09
C LYS A 37 0.80 17.92 -5.47
N PRO A 38 -0.29 17.66 -6.20
CA PRO A 38 -0.51 18.22 -7.54
C PRO A 38 -0.77 19.73 -7.50
N SER A 39 -0.90 20.27 -6.29
CA SER A 39 -1.16 21.70 -6.12
C SER A 39 -0.18 22.31 -5.12
N GLY A 40 -0.22 23.64 -5.00
CA GLY A 40 0.66 24.33 -4.08
C GLY A 40 -0.07 24.87 -2.87
N PRO A 41 -0.46 26.15 -2.94
CA PRO A 41 -1.19 26.82 -1.85
C PRO A 41 -2.60 26.29 -1.68
N SER A 42 -3.19 26.55 -0.52
CA SER A 42 -4.55 26.10 -0.23
C SER A 42 -5.06 26.70 1.07
N SER A 43 -6.36 26.61 1.29
CA SER A 43 -6.98 27.14 2.51
C SER A 43 -7.75 26.06 3.25
N GLY A 44 -8.78 25.53 2.60
CA GLY A 44 -9.58 24.48 3.21
C GLY A 44 -10.76 25.04 3.97
N GLY A 1 -3.69 -4.00 9.75
CA GLY A 1 -2.47 -4.01 10.55
C GLY A 1 -2.50 -5.09 11.62
N SER A 2 -2.15 -6.31 11.23
CA SER A 2 -2.14 -7.44 12.16
C SER A 2 -1.40 -8.63 11.57
N SER A 3 -0.67 -9.33 12.42
CA SER A 3 0.11 -10.50 11.99
C SER A 3 -0.04 -11.65 12.97
N GLY A 4 -0.45 -12.81 12.46
CA GLY A 4 -0.63 -13.97 13.30
C GLY A 4 -0.93 -15.23 12.51
N SER A 5 -2.14 -15.31 11.97
CA SER A 5 -2.55 -16.47 11.19
C SER A 5 -1.50 -16.83 10.15
N SER A 6 -1.01 -18.06 10.21
CA SER A 6 0.01 -18.52 9.28
C SER A 6 -0.33 -18.10 7.85
N GLY A 7 0.71 -17.77 7.07
CA GLY A 7 0.50 -17.35 5.70
C GLY A 7 0.00 -15.92 5.60
N VAL A 8 0.92 -14.97 5.74
CA VAL A 8 0.58 -13.56 5.66
C VAL A 8 1.44 -12.83 4.63
N LYS A 9 0.79 -12.25 3.64
CA LYS A 9 1.50 -11.53 2.58
C LYS A 9 2.73 -10.83 3.14
N PRO A 10 3.80 -10.79 2.33
CA PRO A 10 5.07 -10.15 2.72
C PRO A 10 4.95 -8.64 2.80
N TYR A 11 4.05 -8.07 2.00
CA TYR A 11 3.84 -6.63 1.97
C TYR A 11 2.37 -6.30 2.14
N GLY A 12 2.00 -5.76 3.31
CA GLY A 12 0.63 -5.41 3.57
C GLY A 12 0.46 -3.94 3.89
N CYS A 13 0.35 -3.11 2.85
CA CYS A 13 0.19 -1.67 3.02
C CYS A 13 -0.67 -1.37 4.24
N SER A 14 -0.27 -0.35 5.01
CA SER A 14 -1.00 0.04 6.20
C SER A 14 -1.86 1.27 5.93
N GLU A 15 -1.34 2.17 5.10
CA GLU A 15 -2.07 3.39 4.76
C GLU A 15 -3.53 3.10 4.48
N CYS A 16 -3.78 2.17 3.56
CA CYS A 16 -5.15 1.79 3.20
C CYS A 16 -5.48 0.39 3.71
N GLY A 17 -4.55 -0.53 3.52
CA GLY A 17 -4.76 -1.90 3.97
C GLY A 17 -4.87 -2.88 2.81
N LYS A 18 -3.85 -2.89 1.96
CA LYS A 18 -3.83 -3.79 0.81
C LYS A 18 -2.61 -4.71 0.87
N ALA A 19 -2.53 -5.63 -0.09
CA ALA A 19 -1.42 -6.56 -0.16
C ALA A 19 -0.90 -6.70 -1.58
N PHE A 20 0.37 -7.07 -1.72
CA PHE A 20 1.00 -7.23 -3.03
C PHE A 20 1.93 -8.43 -3.04
N ARG A 21 1.55 -9.46 -3.80
CA ARG A 21 2.35 -10.67 -3.90
C ARG A 21 3.84 -10.33 -3.99
N SER A 22 4.16 -9.28 -4.74
CA SER A 22 5.55 -8.86 -4.91
C SER A 22 5.78 -7.50 -4.26
N LYS A 23 7.01 -7.01 -4.35
CA LYS A 23 7.37 -5.72 -3.77
C LYS A 23 7.10 -4.59 -4.76
N SER A 24 7.63 -4.73 -5.97
CA SER A 24 7.45 -3.72 -7.01
C SER A 24 6.01 -3.22 -7.04
N TYR A 25 5.06 -4.16 -7.00
CA TYR A 25 3.65 -3.82 -7.01
C TYR A 25 3.31 -2.82 -5.93
N LEU A 26 3.75 -3.10 -4.70
CA LEU A 26 3.49 -2.23 -3.57
C LEU A 26 3.88 -0.78 -3.89
N ILE A 27 5.13 -0.58 -4.30
CA ILE A 27 5.61 0.74 -4.65
C ILE A 27 4.70 1.42 -5.66
N ILE A 28 4.32 0.68 -6.70
CA ILE A 28 3.43 1.21 -7.73
C ILE A 28 2.14 1.74 -7.13
N HIS A 29 1.87 1.35 -5.88
CA HIS A 29 0.67 1.79 -5.20
C HIS A 29 1.00 2.82 -4.12
N MET A 30 2.16 2.65 -3.49
CA MET A 30 2.59 3.57 -2.44
C MET A 30 2.90 4.94 -3.01
N ARG A 31 3.26 4.99 -4.28
CA ARG A 31 3.59 6.24 -4.95
C ARG A 31 2.46 7.25 -4.77
N THR A 32 1.23 6.76 -4.75
CA THR A 32 0.06 7.61 -4.60
C THR A 32 -0.15 8.00 -3.14
N HIS A 33 0.36 7.17 -2.23
CA HIS A 33 0.24 7.43 -0.80
C HIS A 33 1.13 8.59 -0.37
N THR A 34 2.40 8.53 -0.77
CA THR A 34 3.35 9.57 -0.43
C THR A 34 3.06 10.86 -1.20
N GLY A 35 2.52 11.85 -0.50
CA GLY A 35 2.20 13.11 -1.14
C GLY A 35 0.75 13.50 -0.96
N GLU A 36 0.39 13.90 0.26
CA GLU A 36 -0.98 14.30 0.55
C GLU A 36 -1.04 15.75 1.05
N LYS A 37 -1.04 16.69 0.13
CA LYS A 37 -1.08 18.11 0.48
C LYS A 37 -1.83 18.91 -0.59
N PRO A 38 -2.51 19.99 -0.15
CA PRO A 38 -3.27 20.85 -1.05
C PRO A 38 -2.37 21.67 -1.97
N SER A 39 -2.97 22.26 -3.00
CA SER A 39 -2.22 23.07 -3.97
C SER A 39 -2.71 24.51 -3.96
N GLY A 40 -2.00 25.37 -3.23
CA GLY A 40 -2.38 26.77 -3.16
C GLY A 40 -2.07 27.39 -1.81
N PRO A 41 -2.66 28.56 -1.55
CA PRO A 41 -2.46 29.28 -0.29
C PRO A 41 -3.12 28.57 0.89
N SER A 42 -3.98 27.60 0.60
CA SER A 42 -4.68 26.86 1.63
C SER A 42 -3.69 26.23 2.60
N SER A 43 -2.59 25.72 2.07
CA SER A 43 -1.56 25.08 2.89
C SER A 43 -1.42 25.78 4.23
N GLY A 44 -1.61 25.03 5.31
CA GLY A 44 -1.50 25.60 6.64
C GLY A 44 -2.78 25.44 7.44
N GLY A 1 -9.49 -14.21 12.31
CA GLY A 1 -9.34 -15.53 11.71
C GLY A 1 -7.90 -15.84 11.37
N SER A 2 -7.07 -16.04 12.40
CA SER A 2 -5.66 -16.34 12.20
C SER A 2 -5.28 -17.64 12.90
N SER A 3 -5.41 -18.75 12.18
CA SER A 3 -5.09 -20.07 12.72
C SER A 3 -3.60 -20.36 12.58
N GLY A 4 -3.06 -20.04 11.41
CA GLY A 4 -1.65 -20.27 11.16
C GLY A 4 -0.80 -19.05 11.43
N SER A 5 0.51 -19.27 11.59
CA SER A 5 1.43 -18.17 11.85
C SER A 5 2.25 -17.84 10.61
N SER A 6 1.58 -17.80 9.47
CA SER A 6 2.24 -17.50 8.20
C SER A 6 1.23 -17.09 7.14
N GLY A 7 1.69 -16.33 6.15
CA GLY A 7 0.81 -15.88 5.08
C GLY A 7 1.53 -15.74 3.76
N VAL A 8 0.77 -15.55 2.68
CA VAL A 8 1.35 -15.39 1.36
C VAL A 8 1.39 -13.93 0.95
N LYS A 9 1.37 -13.04 1.95
CA LYS A 9 1.42 -11.60 1.70
C LYS A 9 2.43 -10.92 2.61
N PRO A 10 3.72 -10.99 2.24
CA PRO A 10 4.81 -10.40 3.01
C PRO A 10 4.78 -8.87 2.95
N TYR A 11 4.18 -8.34 1.90
CA TYR A 11 4.09 -6.89 1.71
C TYR A 11 2.64 -6.43 1.71
N GLY A 12 2.19 -5.89 2.84
CA GLY A 12 0.82 -5.43 2.95
C GLY A 12 0.74 -4.02 3.53
N CYS A 13 0.11 -3.11 2.78
CA CYS A 13 -0.02 -1.73 3.22
C CYS A 13 -0.93 -1.65 4.45
N SER A 14 -0.71 -0.62 5.26
CA SER A 14 -1.49 -0.42 6.48
C SER A 14 -2.31 0.86 6.39
N GLU A 15 -1.72 1.89 5.79
CA GLU A 15 -2.39 3.17 5.64
C GLU A 15 -3.83 2.99 5.18
N CYS A 16 -4.02 2.13 4.19
CA CYS A 16 -5.35 1.86 3.64
C CYS A 16 -5.76 0.41 3.91
N GLY A 17 -4.82 -0.51 3.68
CA GLY A 17 -5.10 -1.91 3.89
C GLY A 17 -5.15 -2.70 2.59
N LYS A 18 -3.96 -2.99 2.04
CA LYS A 18 -3.86 -3.73 0.79
C LYS A 18 -2.74 -4.77 0.87
N ALA A 19 -2.53 -5.49 -0.23
CA ALA A 19 -1.50 -6.50 -0.29
C ALA A 19 -0.73 -6.44 -1.61
N PHE A 20 0.42 -7.09 -1.66
CA PHE A 20 1.24 -7.11 -2.86
C PHE A 20 2.10 -8.37 -2.92
N ARG A 21 1.99 -9.10 -4.02
CA ARG A 21 2.75 -10.33 -4.19
C ARG A 21 4.25 -10.04 -4.23
N SER A 22 4.61 -8.83 -4.65
CA SER A 22 6.00 -8.43 -4.74
C SER A 22 6.19 -6.98 -4.27
N LYS A 23 7.42 -6.50 -4.34
CA LYS A 23 7.73 -5.14 -3.91
C LYS A 23 7.16 -4.13 -4.91
N SER A 24 7.69 -4.14 -6.13
CA SER A 24 7.23 -3.22 -7.16
C SER A 24 5.74 -2.95 -7.03
N TYR A 25 4.96 -4.02 -7.00
CA TYR A 25 3.51 -3.90 -6.88
C TYR A 25 3.13 -2.92 -5.78
N LEU A 26 3.80 -3.03 -4.64
CA LEU A 26 3.54 -2.14 -3.51
C LEU A 26 3.82 -0.69 -3.87
N ILE A 27 5.05 -0.44 -4.34
CA ILE A 27 5.45 0.91 -4.73
C ILE A 27 4.40 1.56 -5.61
N ILE A 28 4.04 0.88 -6.69
CA ILE A 28 3.04 1.39 -7.62
C ILE A 28 1.83 1.94 -6.89
N HIS A 29 1.65 1.49 -5.63
CA HIS A 29 0.52 1.94 -4.83
C HIS A 29 0.97 2.99 -3.81
N MET A 30 2.06 2.71 -3.12
CA MET A 30 2.59 3.64 -2.12
C MET A 30 2.63 5.07 -2.67
N ARG A 31 2.90 5.18 -3.96
CA ARG A 31 2.97 6.49 -4.60
C ARG A 31 1.73 7.33 -4.27
N THR A 32 0.57 6.70 -4.36
CA THR A 32 -0.69 7.38 -4.07
C THR A 32 -0.68 7.97 -2.67
N HIS A 33 -0.09 7.24 -1.72
CA HIS A 33 -0.01 7.70 -0.34
C HIS A 33 1.01 8.83 -0.18
N THR A 34 2.25 8.55 -0.56
CA THR A 34 3.31 9.54 -0.47
C THR A 34 4.03 9.71 -1.81
N GLY A 35 3.83 10.87 -2.44
CA GLY A 35 4.46 11.13 -3.71
C GLY A 35 4.16 12.52 -4.24
N GLU A 36 2.88 12.80 -4.46
CA GLU A 36 2.46 14.10 -4.97
C GLU A 36 1.27 14.63 -4.19
N LYS A 37 1.24 15.94 -3.98
CA LYS A 37 0.14 16.57 -3.24
C LYS A 37 -0.70 17.44 -4.17
N PRO A 38 -1.98 17.63 -3.80
CA PRO A 38 -2.91 18.44 -4.58
C PRO A 38 -2.58 19.93 -4.53
N SER A 39 -1.49 20.26 -3.85
CA SER A 39 -1.05 21.64 -3.72
C SER A 39 -1.37 22.44 -4.98
N GLY A 40 -1.92 23.63 -4.80
CA GLY A 40 -2.27 24.47 -5.94
C GLY A 40 -3.76 24.70 -6.04
N PRO A 41 -4.43 23.88 -6.87
CA PRO A 41 -5.88 23.99 -7.07
C PRO A 41 -6.68 23.57 -5.85
N SER A 42 -7.64 24.40 -5.45
CA SER A 42 -8.47 24.12 -4.29
C SER A 42 -9.61 23.16 -4.65
N SER A 43 -9.31 21.87 -4.61
CA SER A 43 -10.31 20.85 -4.93
C SER A 43 -10.53 19.91 -3.75
N GLY A 44 -9.45 19.26 -3.31
CA GLY A 44 -9.55 18.34 -2.19
C GLY A 44 -10.26 18.94 -1.01
N GLY A 1 -10.53 -24.34 7.63
CA GLY A 1 -9.96 -23.57 8.71
C GLY A 1 -10.31 -22.10 8.62
N SER A 2 -9.66 -21.40 7.69
CA SER A 2 -9.91 -19.98 7.49
C SER A 2 -10.53 -19.70 6.12
N SER A 3 -11.86 -19.63 6.08
CA SER A 3 -12.57 -19.39 4.84
C SER A 3 -12.33 -17.96 4.35
N GLY A 4 -11.42 -17.83 3.39
CA GLY A 4 -11.10 -16.52 2.85
C GLY A 4 -10.04 -16.57 1.77
N SER A 5 -8.94 -17.25 2.07
CA SER A 5 -7.84 -17.38 1.11
C SER A 5 -7.25 -16.01 0.77
N SER A 6 -7.13 -15.16 1.80
CA SER A 6 -6.59 -13.82 1.60
C SER A 6 -5.39 -13.84 0.65
N GLY A 7 -4.39 -14.64 1.00
CA GLY A 7 -3.20 -14.75 0.17
C GLY A 7 -1.92 -14.77 0.99
N VAL A 8 -1.98 -14.19 2.19
CA VAL A 8 -0.81 -14.15 3.06
C VAL A 8 0.39 -13.56 2.35
N LYS A 9 0.23 -12.35 1.81
CA LYS A 9 1.30 -11.68 1.10
C LYS A 9 2.30 -11.08 2.09
N PRO A 10 3.59 -11.11 1.70
CA PRO A 10 4.68 -10.57 2.54
C PRO A 10 4.63 -9.05 2.64
N TYR A 11 4.11 -8.40 1.60
CA TYR A 11 4.01 -6.95 1.58
C TYR A 11 2.56 -6.50 1.71
N GLY A 12 2.21 -6.00 2.90
CA GLY A 12 0.85 -5.54 3.14
C GLY A 12 0.81 -4.09 3.58
N CYS A 13 0.19 -3.24 2.77
CA CYS A 13 0.08 -1.83 3.09
C CYS A 13 -0.84 -1.61 4.30
N SER A 14 -0.42 -0.72 5.19
CA SER A 14 -1.20 -0.42 6.39
C SER A 14 -2.04 0.83 6.18
N GLU A 15 -1.47 1.83 5.53
CA GLU A 15 -2.18 3.07 5.27
C GLU A 15 -3.63 2.81 4.88
N CYS A 16 -3.83 2.01 3.85
CA CYS A 16 -5.17 1.68 3.38
C CYS A 16 -5.55 0.26 3.79
N GLY A 17 -4.62 -0.68 3.62
CA GLY A 17 -4.87 -2.06 3.97
C GLY A 17 -4.91 -2.97 2.76
N LYS A 18 -3.81 -2.98 2.00
CA LYS A 18 -3.72 -3.81 0.81
C LYS A 18 -2.58 -4.82 0.93
N ALA A 19 -2.44 -5.68 -0.07
CA ALA A 19 -1.39 -6.69 -0.07
C ALA A 19 -0.88 -6.94 -1.49
N PHE A 20 0.44 -6.90 -1.66
CA PHE A 20 1.06 -7.13 -2.95
C PHE A 20 2.10 -8.24 -2.88
N ARG A 21 1.80 -9.37 -3.51
CA ARG A 21 2.71 -10.51 -3.52
C ARG A 21 4.14 -10.05 -3.71
N SER A 22 4.34 -9.06 -4.57
CA SER A 22 5.67 -8.54 -4.85
C SER A 22 5.84 -7.14 -4.26
N LYS A 23 7.09 -6.76 -4.02
CA LYS A 23 7.38 -5.45 -3.45
C LYS A 23 7.12 -4.34 -4.47
N SER A 24 7.62 -4.52 -5.69
CA SER A 24 7.43 -3.54 -6.75
C SER A 24 5.98 -3.12 -6.85
N TYR A 25 5.08 -4.09 -6.79
CA TYR A 25 3.65 -3.83 -6.88
C TYR A 25 3.22 -2.80 -5.82
N LEU A 26 3.75 -2.96 -4.61
CA LEU A 26 3.43 -2.06 -3.51
C LEU A 26 3.76 -0.62 -3.88
N ILE A 27 5.02 -0.38 -4.22
CA ILE A 27 5.47 0.95 -4.60
C ILE A 27 4.50 1.62 -5.56
N ILE A 28 4.26 0.96 -6.69
CA ILE A 28 3.35 1.49 -7.69
C ILE A 28 2.07 2.02 -7.06
N HIS A 29 1.77 1.55 -5.85
CA HIS A 29 0.58 1.98 -5.13
C HIS A 29 0.94 3.06 -4.11
N MET A 30 1.95 2.80 -3.29
CA MET A 30 2.38 3.75 -2.27
C MET A 30 2.50 5.15 -2.86
N ARG A 31 2.75 5.22 -4.16
CA ARG A 31 2.90 6.50 -4.84
C ARG A 31 1.70 7.41 -4.56
N THR A 32 0.53 6.80 -4.49
CA THR A 32 -0.70 7.55 -4.22
C THR A 32 -0.78 7.99 -2.77
N HIS A 33 -0.09 7.26 -1.89
CA HIS A 33 -0.08 7.57 -0.47
C HIS A 33 0.79 8.80 -0.20
N THR A 34 2.00 8.80 -0.74
CA THR A 34 2.93 9.91 -0.54
C THR A 34 3.50 10.38 -1.87
N GLY A 35 3.62 11.70 -2.03
CA GLY A 35 4.16 12.26 -3.26
C GLY A 35 4.65 13.68 -3.08
N GLU A 36 3.95 14.62 -3.71
CA GLU A 36 4.31 16.03 -3.62
C GLU A 36 3.24 16.83 -2.88
N LYS A 37 3.27 16.77 -1.55
CA LYS A 37 2.30 17.47 -0.72
C LYS A 37 3.01 18.24 0.39
N PRO A 38 3.54 19.43 0.05
CA PRO A 38 4.24 20.28 1.01
C PRO A 38 3.30 20.89 2.05
N SER A 39 2.97 20.11 3.08
CA SER A 39 2.08 20.57 4.13
C SER A 39 2.47 19.99 5.48
N GLY A 40 2.35 20.79 6.53
CA GLY A 40 2.71 20.33 7.86
C GLY A 40 1.60 19.52 8.51
N PRO A 41 1.63 19.45 9.85
CA PRO A 41 0.63 18.70 10.62
C PRO A 41 -0.74 19.38 10.59
N SER A 42 -1.79 18.57 10.49
CA SER A 42 -3.16 19.08 10.44
C SER A 42 -3.90 18.75 11.73
N SER A 43 -5.00 19.46 11.97
CA SER A 43 -5.80 19.24 13.17
C SER A 43 -7.26 19.59 12.91
N GLY A 44 -8.12 18.56 12.93
CA GLY A 44 -9.53 18.77 12.68
C GLY A 44 -10.16 17.64 11.89
N GLY A 1 -9.23 1.58 5.08
CA GLY A 1 -10.49 0.88 5.05
C GLY A 1 -10.47 -0.30 4.09
N SER A 2 -10.68 -0.01 2.80
CA SER A 2 -10.69 -1.05 1.79
C SER A 2 -9.69 -2.15 2.11
N SER A 3 -10.18 -3.36 2.35
CA SER A 3 -9.33 -4.49 2.68
C SER A 3 -10.13 -5.78 2.72
N GLY A 4 -9.55 -6.85 2.19
CA GLY A 4 -10.22 -8.14 2.18
C GLY A 4 -9.69 -9.07 1.11
N SER A 5 -8.62 -9.80 1.44
CA SER A 5 -8.01 -10.73 0.50
C SER A 5 -7.53 -11.99 1.22
N SER A 6 -7.69 -13.13 0.55
CA SER A 6 -7.30 -14.41 1.12
C SER A 6 -5.80 -14.65 0.93
N GLY A 7 -5.12 -15.03 2.00
CA GLY A 7 -3.69 -15.29 1.94
C GLY A 7 -2.89 -14.32 2.78
N VAL A 8 -1.63 -14.66 3.04
CA VAL A 8 -0.76 -13.82 3.84
C VAL A 8 0.45 -13.36 3.04
N LYS A 9 0.32 -12.21 2.38
CA LYS A 9 1.40 -11.66 1.57
C LYS A 9 2.44 -10.97 2.46
N PRO A 10 3.71 -11.04 2.04
CA PRO A 10 4.82 -10.43 2.77
C PRO A 10 4.78 -8.91 2.73
N TYR A 11 4.25 -8.36 1.63
CA TYR A 11 4.17 -6.92 1.47
C TYR A 11 2.72 -6.45 1.56
N GLY A 12 2.35 -5.95 2.74
CA GLY A 12 0.99 -5.47 2.95
C GLY A 12 0.95 -4.03 3.42
N CYS A 13 0.32 -3.17 2.63
CA CYS A 13 0.22 -1.76 2.98
C CYS A 13 -0.70 -1.56 4.19
N SER A 14 -0.36 -0.57 5.02
CA SER A 14 -1.15 -0.28 6.21
C SER A 14 -1.96 1.01 6.04
N GLU A 15 -1.36 1.98 5.35
CA GLU A 15 -2.04 3.25 5.10
C GLU A 15 -3.50 3.04 4.75
N CYS A 16 -3.74 2.14 3.80
CA CYS A 16 -5.10 1.84 3.35
C CYS A 16 -5.52 0.43 3.78
N GLY A 17 -4.60 -0.52 3.62
CA GLY A 17 -4.89 -1.89 3.99
C GLY A 17 -5.02 -2.80 2.79
N LYS A 18 -3.96 -2.90 2.01
CA LYS A 18 -3.95 -3.74 0.81
C LYS A 18 -2.69 -4.62 0.77
N ALA A 19 -2.86 -5.86 0.34
CA ALA A 19 -1.75 -6.79 0.23
C ALA A 19 -1.18 -6.81 -1.17
N PHE A 20 0.12 -7.13 -1.28
CA PHE A 20 0.78 -7.18 -2.57
C PHE A 20 1.60 -8.46 -2.71
N ARG A 21 1.45 -9.14 -3.84
CA ARG A 21 2.17 -10.39 -4.10
C ARG A 21 3.53 -10.10 -4.74
N SER A 22 3.94 -8.84 -4.70
CA SER A 22 5.22 -8.45 -5.26
C SER A 22 5.68 -7.11 -4.69
N LYS A 23 6.98 -7.01 -4.43
CA LYS A 23 7.55 -5.78 -3.87
C LYS A 23 7.17 -4.57 -4.72
N SER A 24 7.81 -4.44 -5.88
CA SER A 24 7.55 -3.33 -6.79
C SER A 24 6.06 -2.98 -6.80
N TYR A 25 5.22 -4.00 -6.96
CA TYR A 25 3.78 -3.80 -6.99
C TYR A 25 3.34 -2.86 -5.88
N LEU A 26 3.89 -3.06 -4.69
CA LEU A 26 3.55 -2.23 -3.53
C LEU A 26 4.01 -0.79 -3.75
N ILE A 27 5.31 -0.61 -3.95
CA ILE A 27 5.86 0.72 -4.17
C ILE A 27 5.02 1.52 -5.17
N ILE A 28 4.75 0.91 -6.31
CA ILE A 28 3.95 1.56 -7.34
C ILE A 28 2.67 2.16 -6.75
N HIS A 29 2.17 1.53 -5.69
CA HIS A 29 0.95 1.99 -5.03
C HIS A 29 1.28 2.97 -3.91
N MET A 30 2.35 2.68 -3.17
CA MET A 30 2.78 3.53 -2.07
C MET A 30 2.73 5.00 -2.47
N ARG A 31 3.25 5.31 -3.65
CA ARG A 31 3.27 6.68 -4.15
C ARG A 31 1.93 7.36 -3.90
N THR A 32 0.85 6.63 -4.14
CA THR A 32 -0.50 7.16 -3.96
C THR A 32 -0.61 7.91 -2.63
N HIS A 33 -0.22 7.24 -1.54
CA HIS A 33 -0.28 7.84 -0.22
C HIS A 33 0.66 9.04 -0.12
N THR A 34 1.86 8.88 -0.68
CA THR A 34 2.85 9.95 -0.66
C THR A 34 3.19 10.43 -2.07
N GLY A 35 2.31 11.23 -2.64
CA GLY A 35 2.53 11.74 -3.99
C GLY A 35 3.17 13.12 -3.98
N GLU A 36 3.49 13.62 -5.17
CA GLU A 36 4.10 14.93 -5.31
C GLU A 36 3.07 15.98 -5.73
N LYS A 37 2.40 16.57 -4.75
CA LYS A 37 1.39 17.58 -5.03
C LYS A 37 1.86 18.96 -4.60
N PRO A 38 1.22 20.01 -5.13
CA PRO A 38 1.57 21.39 -4.81
C PRO A 38 1.20 21.78 -3.38
N SER A 39 0.53 20.86 -2.69
CA SER A 39 0.11 21.10 -1.31
C SER A 39 1.02 20.36 -0.33
N GLY A 40 1.04 19.03 -0.44
CA GLY A 40 1.87 18.23 0.44
C GLY A 40 1.46 18.35 1.89
N PRO A 41 0.21 17.95 2.19
CA PRO A 41 -0.33 18.00 3.55
C PRO A 41 0.33 16.98 4.48
N SER A 42 0.81 15.89 3.90
CA SER A 42 1.46 14.84 4.68
C SER A 42 2.64 15.40 5.47
N SER A 43 2.68 15.09 6.76
CA SER A 43 3.75 15.56 7.64
C SER A 43 4.39 14.40 8.38
N GLY A 44 5.66 14.57 8.74
CA GLY A 44 6.38 13.53 9.45
C GLY A 44 7.48 12.90 8.63
N GLY A 1 -11.20 -0.07 7.68
CA GLY A 1 -10.47 -1.31 7.87
C GLY A 1 -10.47 -1.77 9.32
N SER A 2 -10.75 -3.05 9.53
CA SER A 2 -10.78 -3.61 10.88
C SER A 2 -9.48 -4.34 11.20
N SER A 3 -9.01 -4.20 12.44
CA SER A 3 -7.78 -4.84 12.87
C SER A 3 -8.01 -6.32 13.17
N GLY A 4 -7.92 -7.14 12.13
CA GLY A 4 -8.12 -8.57 12.31
C GLY A 4 -8.23 -9.30 10.98
N SER A 5 -7.20 -9.19 10.15
CA SER A 5 -7.20 -9.84 8.85
C SER A 5 -5.96 -10.74 8.69
N SER A 6 -5.98 -11.58 7.67
CA SER A 6 -4.87 -12.49 7.41
C SER A 6 -3.74 -11.78 6.69
N GLY A 7 -2.63 -11.57 7.39
CA GLY A 7 -1.49 -10.90 6.79
C GLY A 7 -0.34 -11.85 6.52
N VAL A 8 -0.58 -12.82 5.64
CA VAL A 8 0.45 -13.80 5.29
C VAL A 8 1.37 -13.25 4.20
N LYS A 9 0.90 -12.24 3.49
CA LYS A 9 1.68 -11.64 2.41
C LYS A 9 2.91 -10.92 2.97
N PRO A 10 4.00 -10.93 2.19
CA PRO A 10 5.25 -10.28 2.58
C PRO A 10 5.15 -8.77 2.59
N TYR A 11 4.17 -8.24 1.87
CA TYR A 11 3.97 -6.80 1.80
C TYR A 11 2.49 -6.45 1.98
N GLY A 12 2.20 -5.62 2.98
CA GLY A 12 0.83 -5.22 3.24
C GLY A 12 0.72 -3.76 3.62
N CYS A 13 0.04 -2.98 2.79
CA CYS A 13 -0.15 -1.55 3.04
C CYS A 13 -1.12 -1.33 4.20
N SER A 14 -0.58 -0.93 5.34
CA SER A 14 -1.40 -0.69 6.52
C SER A 14 -2.18 0.61 6.38
N GLU A 15 -1.57 1.60 5.73
CA GLU A 15 -2.21 2.89 5.53
C GLU A 15 -3.66 2.72 5.09
N CYS A 16 -3.86 2.08 3.94
CA CYS A 16 -5.19 1.85 3.41
C CYS A 16 -5.68 0.45 3.75
N GLY A 17 -4.79 -0.52 3.61
CA GLY A 17 -5.14 -1.91 3.91
C GLY A 17 -5.16 -2.78 2.67
N LYS A 18 -4.00 -2.91 2.03
CA LYS A 18 -3.88 -3.71 0.83
C LYS A 18 -2.68 -4.65 0.91
N ALA A 19 -2.53 -5.52 -0.08
CA ALA A 19 -1.41 -6.46 -0.12
C ALA A 19 -0.90 -6.65 -1.55
N PHE A 20 0.38 -6.99 -1.67
CA PHE A 20 1.00 -7.20 -2.96
C PHE A 20 1.98 -8.36 -2.92
N ARG A 21 1.66 -9.43 -3.64
CA ARG A 21 2.52 -10.60 -3.68
C ARG A 21 3.99 -10.21 -3.77
N SER A 22 4.28 -9.19 -4.57
CA SER A 22 5.64 -8.71 -4.75
C SER A 22 5.80 -7.31 -4.17
N LYS A 23 7.05 -6.88 -4.01
CA LYS A 23 7.34 -5.56 -3.47
C LYS A 23 7.02 -4.47 -4.50
N SER A 24 7.69 -4.53 -5.65
CA SER A 24 7.48 -3.55 -6.70
C SER A 24 6.01 -3.11 -6.75
N TYR A 25 5.11 -4.08 -6.84
CA TYR A 25 3.68 -3.78 -6.90
C TYR A 25 3.30 -2.72 -5.88
N LEU A 26 3.77 -2.90 -4.64
CA LEU A 26 3.48 -1.95 -3.57
C LEU A 26 3.84 -0.53 -3.99
N ILE A 27 5.04 -0.36 -4.53
CA ILE A 27 5.51 0.94 -4.97
C ILE A 27 4.46 1.63 -5.85
N ILE A 28 4.19 1.02 -7.00
CA ILE A 28 3.20 1.56 -7.93
C ILE A 28 1.93 2.01 -7.20
N HIS A 29 1.72 1.45 -6.02
CA HIS A 29 0.55 1.78 -5.22
C HIS A 29 0.89 2.85 -4.19
N MET A 30 2.13 2.84 -3.71
CA MET A 30 2.56 3.81 -2.71
C MET A 30 2.83 5.17 -3.36
N ARG A 31 3.08 5.16 -4.66
CA ARG A 31 3.35 6.40 -5.39
C ARG A 31 2.36 7.48 -5.00
N THR A 32 1.14 7.09 -4.67
CA THR A 32 0.10 8.03 -4.28
C THR A 32 0.14 8.29 -2.77
N HIS A 33 0.43 7.24 -2.00
CA HIS A 33 0.51 7.35 -0.55
C HIS A 33 1.60 8.33 -0.13
N THR A 34 2.71 8.31 -0.87
CA THR A 34 3.84 9.19 -0.59
C THR A 34 3.63 10.57 -1.19
N GLY A 35 2.42 11.12 -1.02
CA GLY A 35 2.12 12.42 -1.56
C GLY A 35 2.28 12.49 -3.06
N GLU A 36 1.49 13.34 -3.71
CA GLU A 36 1.57 13.50 -5.15
C GLU A 36 1.87 14.93 -5.54
N LYS A 37 3.15 15.31 -5.44
CA LYS A 37 3.58 16.66 -5.78
C LYS A 37 3.62 16.85 -7.28
N PRO A 38 3.26 18.06 -7.74
CA PRO A 38 3.26 18.41 -9.16
C PRO A 38 4.67 18.52 -9.74
N SER A 39 4.75 18.84 -11.02
CA SER A 39 6.05 18.95 -11.70
C SER A 39 6.02 20.10 -12.71
N GLY A 40 6.71 21.19 -12.37
CA GLY A 40 6.76 22.33 -13.25
C GLY A 40 8.02 22.38 -14.09
N PRO A 41 8.16 23.42 -14.90
CA PRO A 41 9.34 23.61 -15.77
C PRO A 41 10.60 23.93 -14.97
N SER A 42 10.41 24.35 -13.73
CA SER A 42 11.54 24.69 -12.86
C SER A 42 12.57 23.57 -12.83
N SER A 43 12.12 22.35 -13.15
CA SER A 43 13.00 21.19 -13.16
C SER A 43 13.47 20.88 -14.57
N GLY A 44 14.63 20.21 -14.66
CA GLY A 44 15.18 19.86 -15.95
C GLY A 44 15.45 18.37 -16.09
N GLY A 1 -12.16 -17.26 14.80
CA GLY A 1 -12.69 -17.56 13.48
C GLY A 1 -11.77 -17.12 12.37
N SER A 2 -12.07 -15.98 11.76
CA SER A 2 -11.27 -15.44 10.67
C SER A 2 -10.50 -14.21 11.11
N SER A 3 -9.31 -14.44 11.69
CA SER A 3 -8.48 -13.34 12.16
C SER A 3 -7.26 -13.16 11.27
N GLY A 4 -6.52 -14.26 11.07
CA GLY A 4 -5.33 -14.21 10.23
C GLY A 4 -5.01 -15.55 9.60
N SER A 5 -4.14 -15.53 8.59
CA SER A 5 -3.75 -16.75 7.90
C SER A 5 -2.40 -16.57 7.21
N SER A 6 -1.42 -17.37 7.63
CA SER A 6 -0.08 -17.30 7.05
C SER A 6 -0.13 -17.43 5.53
N GLY A 7 -0.34 -16.31 4.85
CA GLY A 7 -0.42 -16.32 3.41
C GLY A 7 0.93 -16.05 2.76
N VAL A 8 0.90 -15.51 1.55
CA VAL A 8 2.13 -15.21 0.82
C VAL A 8 2.18 -13.74 0.40
N LYS A 9 1.87 -12.85 1.35
CA LYS A 9 1.88 -11.42 1.08
C LYS A 9 2.69 -10.68 2.14
N PRO A 10 4.03 -10.76 2.01
CA PRO A 10 4.95 -10.09 2.95
C PRO A 10 4.92 -8.58 2.81
N TYR A 11 4.30 -8.10 1.74
CA TYR A 11 4.21 -6.66 1.48
C TYR A 11 2.75 -6.19 1.54
N GLY A 12 2.34 -5.72 2.71
CA GLY A 12 0.98 -5.24 2.88
C GLY A 12 0.92 -3.79 3.29
N CYS A 13 0.38 -2.95 2.42
CA CYS A 13 0.27 -1.52 2.68
C CYS A 13 -0.52 -1.28 3.97
N SER A 14 -0.06 -0.32 4.77
CA SER A 14 -0.72 0.01 6.03
C SER A 14 -1.62 1.23 5.86
N GLU A 15 -1.24 2.12 4.95
CA GLU A 15 -2.01 3.33 4.70
C GLU A 15 -3.48 3.00 4.46
N CYS A 16 -3.74 2.17 3.46
CA CYS A 16 -5.10 1.77 3.12
C CYS A 16 -5.40 0.36 3.66
N GLY A 17 -4.47 -0.55 3.45
CA GLY A 17 -4.64 -1.91 3.92
C GLY A 17 -4.72 -2.91 2.78
N LYS A 18 -3.84 -2.76 1.80
CA LYS A 18 -3.81 -3.65 0.64
C LYS A 18 -2.59 -4.56 0.69
N ALA A 19 -2.63 -5.64 -0.07
CA ALA A 19 -1.53 -6.60 -0.12
C ALA A 19 -1.01 -6.76 -1.55
N PHE A 20 0.27 -7.11 -1.66
CA PHE A 20 0.90 -7.29 -2.96
C PHE A 20 1.92 -8.42 -2.92
N ARG A 21 1.64 -9.50 -3.64
CA ARG A 21 2.53 -10.65 -3.69
C ARG A 21 3.98 -10.21 -3.86
N SER A 22 4.19 -9.20 -4.69
CA SER A 22 5.53 -8.69 -4.94
C SER A 22 5.69 -7.28 -4.36
N LYS A 23 6.88 -7.00 -3.84
CA LYS A 23 7.17 -5.69 -3.26
C LYS A 23 6.94 -4.58 -4.27
N SER A 24 7.46 -4.78 -5.48
CA SER A 24 7.30 -3.79 -6.54
C SER A 24 5.86 -3.32 -6.66
N TYR A 25 4.94 -4.28 -6.73
CA TYR A 25 3.52 -3.96 -6.84
C TYR A 25 3.11 -2.92 -5.81
N LEU A 26 3.53 -3.14 -4.55
CA LEU A 26 3.20 -2.22 -3.47
C LEU A 26 3.71 -0.82 -3.77
N ILE A 27 5.03 -0.70 -3.96
CA ILE A 27 5.65 0.59 -4.26
C ILE A 27 4.86 1.34 -5.32
N ILE A 28 4.65 0.69 -6.46
CA ILE A 28 3.91 1.30 -7.55
C ILE A 28 2.60 1.92 -7.06
N HIS A 29 2.04 1.34 -6.00
CA HIS A 29 0.79 1.83 -5.43
C HIS A 29 1.06 2.98 -4.45
N MET A 30 2.00 2.75 -3.53
CA MET A 30 2.35 3.75 -2.54
C MET A 30 2.25 5.16 -3.12
N ARG A 31 2.59 5.28 -4.41
CA ARG A 31 2.54 6.57 -5.08
C ARG A 31 1.39 7.42 -4.56
N THR A 32 0.18 6.86 -4.60
CA THR A 32 -1.01 7.56 -4.14
C THR A 32 -0.80 8.09 -2.72
N HIS A 33 -0.43 7.21 -1.81
CA HIS A 33 -0.21 7.58 -0.41
C HIS A 33 0.94 8.59 -0.30
N THR A 34 2.13 8.17 -0.73
CA THR A 34 3.31 9.02 -0.67
C THR A 34 2.95 10.46 -1.01
N GLY A 35 3.78 11.40 -0.54
CA GLY A 35 3.54 12.81 -0.81
C GLY A 35 3.16 13.06 -2.25
N GLU A 36 1.93 13.53 -2.47
CA GLU A 36 1.44 13.81 -3.81
C GLU A 36 0.98 15.27 -3.92
N LYS A 37 0.87 15.75 -5.16
CA LYS A 37 0.44 17.12 -5.41
C LYS A 37 -0.66 17.52 -4.44
N PRO A 38 -0.65 18.79 -4.01
CA PRO A 38 -1.64 19.34 -3.08
C PRO A 38 -3.03 19.46 -3.72
N SER A 39 -3.08 20.09 -4.88
CA SER A 39 -4.33 20.28 -5.60
C SER A 39 -4.63 19.10 -6.51
N GLY A 40 -5.60 18.29 -6.13
CA GLY A 40 -5.97 17.13 -6.93
C GLY A 40 -7.22 17.35 -7.75
N PRO A 41 -8.38 16.95 -7.21
CA PRO A 41 -9.66 17.10 -7.89
C PRO A 41 -10.11 18.54 -7.97
N SER A 42 -10.08 19.24 -6.83
CA SER A 42 -10.48 20.64 -6.77
C SER A 42 -9.76 21.37 -5.63
N SER A 43 -9.78 22.69 -5.69
CA SER A 43 -9.13 23.50 -4.67
C SER A 43 -10.15 24.37 -3.93
N GLY A 44 -10.02 24.41 -2.61
CA GLY A 44 -10.93 25.21 -1.80
C GLY A 44 -11.64 24.39 -0.75
N GLY A 1 -12.77 -10.80 7.85
CA GLY A 1 -11.69 -11.73 7.59
C GLY A 1 -10.44 -11.40 8.39
N SER A 2 -10.36 -11.97 9.60
CA SER A 2 -9.21 -11.73 10.47
C SER A 2 -8.05 -12.64 10.11
N SER A 3 -8.35 -13.94 9.98
CA SER A 3 -7.33 -14.92 9.65
C SER A 3 -7.92 -16.06 8.83
N GLY A 4 -7.06 -16.85 8.21
CA GLY A 4 -7.51 -17.98 7.41
C GLY A 4 -6.38 -18.90 6.99
N SER A 5 -6.20 -19.06 5.68
CA SER A 5 -5.15 -19.93 5.17
C SER A 5 -4.16 -19.13 4.32
N SER A 6 -4.69 -18.27 3.45
CA SER A 6 -3.85 -17.45 2.59
C SER A 6 -3.16 -16.35 3.39
N GLY A 7 -1.94 -16.00 2.99
CA GLY A 7 -1.20 -14.97 3.68
C GLY A 7 0.08 -14.60 2.96
N VAL A 8 -0.01 -14.41 1.64
CA VAL A 8 1.15 -14.04 0.84
C VAL A 8 1.23 -12.53 0.64
N LYS A 9 1.00 -11.79 1.71
CA LYS A 9 1.05 -10.33 1.67
C LYS A 9 2.17 -9.80 2.55
N PRO A 10 3.42 -10.06 2.13
CA PRO A 10 4.61 -9.62 2.86
C PRO A 10 4.80 -8.11 2.78
N TYR A 11 3.97 -7.45 1.98
CA TYR A 11 4.05 -6.00 1.82
C TYR A 11 2.71 -5.34 2.11
N GLY A 12 1.89 -6.01 2.92
CA GLY A 12 0.58 -5.47 3.26
C GLY A 12 0.63 -3.98 3.56
N CYS A 13 -0.10 -3.21 2.75
CA CYS A 13 -0.14 -1.76 2.92
C CYS A 13 -0.74 -1.40 4.27
N SER A 14 0.08 -0.80 5.14
CA SER A 14 -0.37 -0.41 6.47
C SER A 14 -0.86 1.04 6.46
N GLU A 15 -1.66 1.39 5.45
CA GLU A 15 -2.19 2.74 5.33
C GLU A 15 -3.70 2.70 5.06
N CYS A 16 -4.11 1.79 4.19
CA CYS A 16 -5.52 1.66 3.84
C CYS A 16 -5.99 0.21 4.02
N GLY A 17 -5.20 -0.73 3.51
CA GLY A 17 -5.54 -2.14 3.63
C GLY A 17 -5.47 -2.86 2.30
N LYS A 18 -4.26 -3.01 1.77
CA LYS A 18 -4.05 -3.69 0.51
C LYS A 18 -3.05 -4.82 0.65
N ALA A 19 -2.79 -5.52 -0.46
CA ALA A 19 -1.85 -6.64 -0.46
C ALA A 19 -0.99 -6.63 -1.72
N PHE A 20 0.21 -7.17 -1.61
CA PHE A 20 1.13 -7.22 -2.74
C PHE A 20 2.11 -8.39 -2.60
N ARG A 21 2.34 -9.10 -3.69
CA ARG A 21 3.25 -10.25 -3.69
C ARG A 21 4.61 -9.85 -4.24
N SER A 22 4.90 -8.56 -4.24
CA SER A 22 6.16 -8.05 -4.75
C SER A 22 6.37 -6.59 -4.35
N LYS A 23 7.61 -6.22 -4.08
CA LYS A 23 7.93 -4.85 -3.69
C LYS A 23 7.42 -3.85 -4.73
N SER A 24 7.61 -4.17 -6.00
CA SER A 24 7.16 -3.31 -7.09
C SER A 24 5.67 -3.01 -6.96
N TYR A 25 4.86 -4.06 -7.08
CA TYR A 25 3.41 -3.91 -6.98
C TYR A 25 3.03 -2.94 -5.87
N LEU A 26 3.72 -3.06 -4.73
CA LEU A 26 3.46 -2.21 -3.58
C LEU A 26 3.70 -0.74 -3.93
N ILE A 27 4.89 -0.45 -4.42
CA ILE A 27 5.25 0.92 -4.80
C ILE A 27 4.22 1.52 -5.75
N ILE A 28 3.69 0.68 -6.64
CA ILE A 28 2.69 1.12 -7.60
C ILE A 28 1.44 1.64 -6.90
N HIS A 29 1.25 1.22 -5.65
CA HIS A 29 0.10 1.65 -4.87
C HIS A 29 0.50 2.73 -3.87
N MET A 30 1.65 2.56 -3.25
CA MET A 30 2.14 3.53 -2.27
C MET A 30 2.51 4.84 -2.95
N ARG A 31 2.80 4.77 -4.24
CA ARG A 31 3.17 5.97 -4.99
C ARG A 31 2.17 7.10 -4.76
N THR A 32 0.91 6.73 -4.53
CA THR A 32 -0.13 7.71 -4.28
C THR A 32 -0.28 8.00 -2.80
N HIS A 33 0.23 7.11 -1.97
CA HIS A 33 0.16 7.27 -0.52
C HIS A 33 1.22 8.27 -0.04
N THR A 34 2.42 8.18 -0.62
CA THR A 34 3.50 9.07 -0.25
C THR A 34 4.20 9.63 -1.48
N GLY A 35 3.94 10.91 -1.77
CA GLY A 35 4.55 11.54 -2.93
C GLY A 35 4.39 13.05 -2.90
N GLU A 36 3.61 13.58 -3.83
CA GLU A 36 3.38 15.02 -3.92
C GLU A 36 1.89 15.33 -3.96
N LYS A 37 1.13 14.61 -3.13
CA LYS A 37 -0.32 14.82 -3.06
C LYS A 37 -0.72 15.43 -1.72
N PRO A 38 -1.72 16.32 -1.74
CA PRO A 38 -2.22 16.98 -0.54
C PRO A 38 -2.97 16.03 0.38
N SER A 39 -2.23 15.34 1.25
CA SER A 39 -2.82 14.39 2.18
C SER A 39 -3.29 15.11 3.45
N GLY A 40 -2.45 15.98 3.99
CA GLY A 40 -2.80 16.70 5.20
C GLY A 40 -1.83 16.45 6.33
N PRO A 41 -2.00 17.18 7.44
CA PRO A 41 -1.14 17.05 8.62
C PRO A 41 -1.34 15.72 9.34
N SER A 42 -2.26 14.91 8.83
CA SER A 42 -2.55 13.61 9.43
C SER A 42 -1.37 12.66 9.26
N SER A 43 -0.66 12.43 10.36
CA SER A 43 0.50 11.53 10.35
C SER A 43 0.82 11.03 11.75
N GLY A 44 0.79 9.72 11.92
CA GLY A 44 1.07 9.13 13.22
C GLY A 44 2.07 7.99 13.13
N GLY A 1 -15.46 3.22 10.29
CA GLY A 1 -14.23 3.16 9.54
C GLY A 1 -13.00 3.22 10.41
N SER A 2 -12.82 2.20 11.25
CA SER A 2 -11.69 2.14 12.16
C SER A 2 -10.41 1.76 11.41
N SER A 3 -9.56 2.75 11.16
CA SER A 3 -8.31 2.53 10.44
C SER A 3 -7.43 1.54 11.19
N GLY A 4 -7.22 0.36 10.60
CA GLY A 4 -6.39 -0.64 11.23
C GLY A 4 -6.58 -2.01 10.60
N SER A 5 -6.31 -2.12 9.31
CA SER A 5 -6.46 -3.38 8.59
C SER A 5 -5.16 -3.75 7.88
N SER A 6 -4.63 -4.93 8.21
CA SER A 6 -3.40 -5.40 7.61
C SER A 6 -3.50 -6.87 7.23
N GLY A 7 -3.15 -7.19 5.98
CA GLY A 7 -3.22 -8.56 5.52
C GLY A 7 -2.08 -9.41 6.06
N VAL A 8 -1.93 -10.62 5.50
CA VAL A 8 -0.88 -11.52 5.93
C VAL A 8 0.32 -11.46 4.98
N LYS A 9 0.08 -10.98 3.77
CA LYS A 9 1.14 -10.86 2.77
C LYS A 9 2.31 -10.05 3.33
N PRO A 10 3.53 -10.38 2.87
CA PRO A 10 4.75 -9.70 3.30
C PRO A 10 4.84 -8.27 2.76
N TYR A 11 3.96 -7.95 1.82
CA TYR A 11 3.94 -6.62 1.22
C TYR A 11 2.61 -5.93 1.47
N GLY A 12 1.90 -6.38 2.51
CA GLY A 12 0.62 -5.79 2.84
C GLY A 12 0.72 -4.32 3.18
N CYS A 13 0.10 -3.48 2.34
CA CYS A 13 0.12 -2.04 2.55
C CYS A 13 -0.34 -1.68 3.95
N SER A 14 0.57 -1.17 4.76
CA SER A 14 0.26 -0.79 6.14
C SER A 14 -0.11 0.69 6.22
N GLU A 15 -0.95 1.14 5.30
CA GLU A 15 -1.39 2.52 5.26
C GLU A 15 -2.90 2.62 5.12
N CYS A 16 -3.46 1.80 4.25
CA CYS A 16 -4.90 1.78 4.02
C CYS A 16 -5.48 0.40 4.26
N GLY A 17 -4.79 -0.63 3.75
CA GLY A 17 -5.25 -1.99 3.93
C GLY A 17 -5.30 -2.76 2.62
N LYS A 18 -4.17 -2.80 1.92
CA LYS A 18 -4.08 -3.50 0.65
C LYS A 18 -3.05 -4.62 0.72
N ALA A 19 -3.12 -5.54 -0.25
CA ALA A 19 -2.18 -6.66 -0.30
C ALA A 19 -1.50 -6.75 -1.65
N PHE A 20 -0.33 -7.37 -1.67
CA PHE A 20 0.43 -7.52 -2.91
C PHE A 20 1.39 -8.71 -2.82
N ARG A 21 1.58 -9.40 -3.95
CA ARG A 21 2.46 -10.55 -3.99
C ARG A 21 3.82 -10.18 -4.59
N SER A 22 4.11 -8.89 -4.59
CA SER A 22 5.38 -8.39 -5.14
C SER A 22 5.72 -7.02 -4.57
N LYS A 23 6.99 -6.82 -4.24
CA LYS A 23 7.46 -5.56 -3.68
C LYS A 23 7.11 -4.40 -4.61
N SER A 24 7.83 -4.32 -5.73
CA SER A 24 7.60 -3.25 -6.70
C SER A 24 6.12 -2.89 -6.78
N TYR A 25 5.27 -3.91 -6.73
CA TYR A 25 3.82 -3.69 -6.79
C TYR A 25 3.36 -2.77 -5.68
N LEU A 26 3.81 -3.04 -4.46
CA LEU A 26 3.44 -2.22 -3.32
C LEU A 26 3.85 -0.77 -3.51
N ILE A 27 5.14 -0.57 -3.84
CA ILE A 27 5.66 0.78 -4.06
C ILE A 27 4.76 1.56 -5.01
N ILE A 28 4.40 0.95 -6.12
CA ILE A 28 3.54 1.59 -7.11
C ILE A 28 2.19 1.99 -6.49
N HIS A 29 1.86 1.36 -5.38
CA HIS A 29 0.60 1.65 -4.68
C HIS A 29 0.83 2.63 -3.54
N MET A 30 2.06 2.68 -3.05
CA MET A 30 2.41 3.57 -1.95
C MET A 30 2.76 4.96 -2.46
N ARG A 31 3.73 5.01 -3.38
CA ARG A 31 4.15 6.28 -3.96
C ARG A 31 2.96 7.16 -4.29
N THR A 32 1.81 6.54 -4.48
CA THR A 32 0.59 7.27 -4.81
C THR A 32 -0.02 7.91 -3.56
N HIS A 33 -0.19 7.10 -2.52
CA HIS A 33 -0.77 7.59 -1.27
C HIS A 33 -0.28 9.01 -0.96
N THR A 34 1.04 9.18 -0.93
CA THR A 34 1.63 10.49 -0.65
C THR A 34 2.61 10.89 -1.75
N GLY A 35 2.53 12.15 -2.17
CA GLY A 35 3.41 12.65 -3.20
C GLY A 35 2.78 13.74 -4.03
N GLU A 36 2.50 14.88 -3.40
CA GLU A 36 1.89 16.01 -4.08
C GLU A 36 2.29 17.33 -3.42
N LYS A 37 2.05 18.43 -4.13
CA LYS A 37 2.38 19.76 -3.63
C LYS A 37 1.86 19.93 -2.20
N PRO A 38 2.63 20.67 -1.37
CA PRO A 38 2.27 20.93 0.02
C PRO A 38 1.06 21.86 0.14
N SER A 39 -0.03 21.34 0.70
CA SER A 39 -1.25 22.13 0.87
C SER A 39 -1.68 22.14 2.33
N GLY A 40 -2.52 23.11 2.69
CA GLY A 40 -3.01 23.21 4.05
C GLY A 40 -3.74 21.97 4.50
N PRO A 41 -3.63 21.65 5.79
CA PRO A 41 -4.27 20.47 6.38
C PRO A 41 -5.79 20.61 6.44
N SER A 42 -6.47 19.55 6.89
CA SER A 42 -7.92 19.56 6.99
C SER A 42 -8.37 19.07 8.36
N SER A 43 -8.03 17.84 8.68
CA SER A 43 -8.39 17.24 9.96
C SER A 43 -7.50 16.05 10.30
N GLY A 44 -7.66 15.52 11.50
CA GLY A 44 -6.86 14.38 11.92
C GLY A 44 -5.37 14.69 11.96
N GLY A 1 3.50 -23.49 17.79
CA GLY A 1 3.61 -22.53 18.86
C GLY A 1 4.11 -21.18 18.39
N SER A 2 3.50 -20.68 17.31
CA SER A 2 3.90 -19.39 16.75
C SER A 2 2.75 -18.77 15.96
N SER A 3 2.84 -17.46 15.74
CA SER A 3 1.80 -16.74 15.01
C SER A 3 1.36 -17.53 13.77
N GLY A 4 2.34 -17.92 12.96
CA GLY A 4 2.03 -18.67 11.75
C GLY A 4 1.86 -17.80 10.54
N SER A 5 1.22 -18.33 9.50
CA SER A 5 0.99 -17.58 8.27
C SER A 5 -0.44 -17.72 7.81
N SER A 6 -1.29 -16.76 8.20
CA SER A 6 -2.70 -16.78 7.82
C SER A 6 -2.95 -15.88 6.62
N GLY A 7 -2.78 -16.44 5.43
CA GLY A 7 -3.00 -15.67 4.21
C GLY A 7 -2.50 -14.25 4.33
N VAL A 8 -1.27 -14.08 4.81
CA VAL A 8 -0.68 -12.76 4.97
C VAL A 8 0.54 -12.59 4.07
N LYS A 9 0.55 -11.51 3.29
CA LYS A 9 1.65 -11.22 2.38
C LYS A 9 2.74 -10.43 3.09
N PRO A 10 3.99 -10.62 2.65
CA PRO A 10 5.15 -9.93 3.22
C PRO A 10 5.15 -8.43 2.90
N TYR A 11 4.21 -8.02 2.06
CA TYR A 11 4.10 -6.61 1.67
C TYR A 11 2.66 -6.13 1.75
N GLY A 12 2.26 -5.67 2.93
CA GLY A 12 0.91 -5.19 3.12
C GLY A 12 0.86 -3.71 3.46
N CYS A 13 0.21 -2.92 2.61
CA CYS A 13 0.10 -1.49 2.82
C CYS A 13 -0.64 -1.19 4.13
N SER A 14 0.09 -0.66 5.11
CA SER A 14 -0.50 -0.33 6.40
C SER A 14 -0.98 1.12 6.44
N GLU A 15 -1.64 1.53 5.36
CA GLU A 15 -2.16 2.89 5.26
C GLU A 15 -3.62 2.89 4.85
N CYS A 16 -3.96 2.03 3.89
CA CYS A 16 -5.33 1.94 3.40
C CYS A 16 -5.89 0.54 3.64
N GLY A 17 -5.09 -0.48 3.35
CA GLY A 17 -5.53 -1.85 3.55
C GLY A 17 -5.41 -2.68 2.29
N LYS A 18 -4.21 -2.72 1.72
CA LYS A 18 -3.98 -3.49 0.50
C LYS A 18 -2.72 -4.34 0.62
N ALA A 19 -2.52 -5.24 -0.34
CA ALA A 19 -1.35 -6.11 -0.34
C ALA A 19 -0.72 -6.20 -1.72
N PHE A 20 0.41 -6.89 -1.81
CA PHE A 20 1.11 -7.04 -3.09
C PHE A 20 2.07 -8.22 -3.04
N ARG A 21 1.75 -9.27 -3.79
CA ARG A 21 2.59 -10.46 -3.83
C ARG A 21 4.07 -10.09 -3.94
N SER A 22 4.36 -9.08 -4.76
CA SER A 22 5.73 -8.63 -4.95
C SER A 22 5.93 -7.24 -4.37
N LYS A 23 7.14 -6.97 -3.90
CA LYS A 23 7.48 -5.68 -3.31
C LYS A 23 7.23 -4.55 -4.31
N SER A 24 7.57 -4.81 -5.58
CA SER A 24 7.38 -3.81 -6.62
C SER A 24 5.94 -3.32 -6.67
N TYR A 25 5.02 -4.21 -6.98
CA TYR A 25 3.60 -3.87 -7.04
C TYR A 25 3.24 -2.84 -5.98
N LEU A 26 3.56 -3.16 -4.73
CA LEU A 26 3.27 -2.26 -3.62
C LEU A 26 3.65 -0.82 -3.97
N ILE A 27 4.91 -0.63 -4.36
CA ILE A 27 5.41 0.69 -4.71
C ILE A 27 4.45 1.40 -5.65
N ILE A 28 4.27 0.83 -6.85
CA ILE A 28 3.37 1.42 -7.84
C ILE A 28 2.13 2.01 -7.18
N HIS A 29 1.74 1.44 -6.04
CA HIS A 29 0.57 1.92 -5.32
C HIS A 29 0.96 2.99 -4.31
N MET A 30 1.91 2.66 -3.44
CA MET A 30 2.37 3.60 -2.42
C MET A 30 2.49 5.01 -2.99
N ARG A 31 2.74 5.09 -4.30
CA ARG A 31 2.87 6.38 -4.97
C ARG A 31 1.90 7.41 -4.39
N THR A 32 0.61 7.09 -4.45
CA THR A 32 -0.41 7.98 -3.92
C THR A 32 -0.16 8.32 -2.46
N HIS A 33 0.07 7.28 -1.66
CA HIS A 33 0.32 7.47 -0.23
C HIS A 33 1.50 8.41 -0.01
N THR A 34 2.68 7.98 -0.46
CA THR A 34 3.88 8.78 -0.31
C THR A 34 3.71 10.17 -0.91
N GLY A 35 2.98 10.25 -2.01
CA GLY A 35 2.74 11.53 -2.65
C GLY A 35 1.91 12.46 -1.79
N GLU A 36 2.03 13.76 -2.06
CA GLU A 36 1.29 14.76 -1.30
C GLU A 36 1.39 14.50 0.20
N LYS A 37 2.58 14.14 0.65
CA LYS A 37 2.81 13.86 2.06
C LYS A 37 4.20 14.34 2.49
N PRO A 38 4.27 14.92 3.71
CA PRO A 38 5.52 15.44 4.26
C PRO A 38 6.49 14.32 4.62
N SER A 39 6.01 13.33 5.39
CA SER A 39 6.83 12.21 5.80
C SER A 39 6.97 11.18 4.69
N GLY A 40 7.85 10.21 4.89
CA GLY A 40 8.06 9.18 3.88
C GLY A 40 9.46 9.21 3.30
N PRO A 41 9.74 8.25 2.40
CA PRO A 41 11.05 8.14 1.75
C PRO A 41 11.31 9.30 0.78
N SER A 42 10.28 10.08 0.52
CA SER A 42 10.40 11.21 -0.41
C SER A 42 9.77 12.46 0.20
N SER A 43 10.49 13.57 0.09
CA SER A 43 10.01 14.85 0.63
C SER A 43 9.14 15.58 -0.39
N GLY A 44 8.15 16.30 0.10
CA GLY A 44 7.25 17.03 -0.78
C GLY A 44 7.60 18.51 -0.85
N GLY A 1 -8.54 -13.75 -1.57
CA GLY A 1 -9.79 -14.20 -2.17
C GLY A 1 -9.76 -15.67 -2.52
N SER A 2 -8.99 -16.01 -3.56
CA SER A 2 -8.87 -17.39 -4.01
C SER A 2 -7.96 -18.19 -3.08
N SER A 3 -7.96 -19.51 -3.25
CA SER A 3 -7.12 -20.38 -2.44
C SER A 3 -6.90 -21.72 -3.12
N GLY A 4 -5.72 -22.29 -2.93
CA GLY A 4 -5.40 -23.57 -3.54
C GLY A 4 -3.92 -23.89 -3.48
N SER A 5 -3.15 -23.25 -4.35
CA SER A 5 -1.71 -23.47 -4.40
C SER A 5 -0.99 -22.57 -3.40
N SER A 6 0.26 -22.91 -3.10
CA SER A 6 1.07 -22.14 -2.16
C SER A 6 1.01 -20.65 -2.49
N GLY A 7 1.08 -19.82 -1.46
CA GLY A 7 1.03 -18.39 -1.66
C GLY A 7 1.16 -17.61 -0.35
N VAL A 8 1.96 -16.55 -0.37
CA VAL A 8 2.16 -15.72 0.81
C VAL A 8 2.06 -14.25 0.48
N LYS A 9 1.46 -13.48 1.38
CA LYS A 9 1.29 -12.04 1.18
C LYS A 9 2.04 -11.26 2.25
N PRO A 10 3.38 -11.31 2.21
CA PRO A 10 4.23 -10.61 3.18
C PRO A 10 4.19 -9.10 2.99
N TYR A 11 3.97 -8.66 1.75
CA TYR A 11 3.92 -7.24 1.44
C TYR A 11 2.49 -6.71 1.59
N GLY A 12 2.29 -5.81 2.54
CA GLY A 12 0.98 -5.24 2.77
C GLY A 12 1.03 -3.75 3.06
N CYS A 13 0.35 -2.96 2.25
CA CYS A 13 0.33 -1.51 2.43
C CYS A 13 -0.21 -1.15 3.81
N SER A 14 0.63 -0.49 4.61
CA SER A 14 0.24 -0.10 5.96
C SER A 14 -0.27 1.34 5.97
N GLU A 15 -1.09 1.68 4.98
CA GLU A 15 -1.66 3.02 4.87
C GLU A 15 -3.15 2.97 4.59
N CYS A 16 -3.57 2.01 3.78
CA CYS A 16 -4.97 1.85 3.43
C CYS A 16 -5.48 0.47 3.84
N GLY A 17 -4.71 -0.56 3.52
CA GLY A 17 -5.10 -1.91 3.85
C GLY A 17 -5.14 -2.83 2.66
N LYS A 18 -4.07 -2.81 1.86
CA LYS A 18 -3.99 -3.64 0.67
C LYS A 18 -2.79 -4.58 0.74
N ALA A 19 -2.65 -5.45 -0.25
CA ALA A 19 -1.55 -6.40 -0.30
C ALA A 19 -0.96 -6.49 -1.71
N PHE A 20 0.21 -7.11 -1.81
CA PHE A 20 0.88 -7.26 -3.10
C PHE A 20 1.84 -8.45 -3.07
N ARG A 21 1.52 -9.47 -3.85
CA ARG A 21 2.35 -10.67 -3.92
C ARG A 21 3.82 -10.31 -4.11
N SER A 22 4.07 -9.27 -4.91
CA SER A 22 5.43 -8.82 -5.17
C SER A 22 5.70 -7.48 -4.49
N LYS A 23 6.94 -7.28 -4.09
CA LYS A 23 7.34 -6.04 -3.42
C LYS A 23 7.09 -4.83 -4.33
N SER A 24 7.78 -4.81 -5.47
CA SER A 24 7.63 -3.71 -6.42
C SER A 24 6.18 -3.27 -6.52
N TYR A 25 5.27 -4.25 -6.62
CA TYR A 25 3.85 -3.95 -6.73
C TYR A 25 3.40 -3.01 -5.62
N LEU A 26 3.84 -3.29 -4.40
CA LEU A 26 3.48 -2.47 -3.25
C LEU A 26 3.90 -1.02 -3.47
N ILE A 27 5.19 -0.80 -3.69
CA ILE A 27 5.72 0.54 -3.92
C ILE A 27 4.88 1.29 -4.94
N ILE A 28 4.82 0.75 -6.17
CA ILE A 28 4.06 1.37 -7.23
C ILE A 28 2.75 1.95 -6.71
N HIS A 29 2.15 1.26 -5.75
CA HIS A 29 0.88 1.70 -5.16
C HIS A 29 1.13 2.83 -4.16
N MET A 30 2.07 2.61 -3.25
CA MET A 30 2.39 3.61 -2.24
C MET A 30 2.45 5.00 -2.85
N ARG A 31 2.71 5.06 -4.14
CA ARG A 31 2.81 6.34 -4.85
C ARG A 31 1.61 7.24 -4.49
N THR A 32 0.45 6.62 -4.34
CA THR A 32 -0.77 7.36 -4.00
C THR A 32 -0.69 7.93 -2.59
N HIS A 33 0.01 7.23 -1.71
CA HIS A 33 0.16 7.67 -0.32
C HIS A 33 1.32 8.65 -0.20
N THR A 34 1.68 9.28 -1.31
CA THR A 34 2.78 10.24 -1.32
C THR A 34 2.41 11.48 -2.13
N GLY A 35 2.69 12.66 -1.56
CA GLY A 35 2.38 13.90 -2.25
C GLY A 35 1.21 14.62 -1.62
N GLU A 36 0.14 14.81 -2.40
CA GLU A 36 -1.05 15.50 -1.92
C GLU A 36 -1.74 14.68 -0.83
N LYS A 37 -2.38 15.38 0.11
CA LYS A 37 -3.09 14.72 1.20
C LYS A 37 -4.53 14.41 0.81
N PRO A 38 -5.01 13.22 1.20
CA PRO A 38 -6.38 12.79 0.90
C PRO A 38 -7.42 13.58 1.69
N SER A 39 -8.67 13.49 1.26
CA SER A 39 -9.77 14.19 1.92
C SER A 39 -10.83 13.22 2.41
N GLY A 40 -10.91 13.05 3.72
CA GLY A 40 -11.90 12.15 4.29
C GLY A 40 -11.29 11.23 5.34
N PRO A 41 -10.38 10.35 4.91
CA PRO A 41 -9.72 9.39 5.81
C PRO A 41 -8.75 10.08 6.76
N SER A 42 -9.07 10.04 8.05
CA SER A 42 -8.22 10.66 9.06
C SER A 42 -8.57 10.15 10.46
N SER A 43 -7.55 9.94 11.29
CA SER A 43 -7.76 9.45 12.64
C SER A 43 -8.70 10.37 13.42
N GLY A 44 -9.82 9.80 13.87
CA GLY A 44 -10.79 10.58 14.62
C GLY A 44 -12.14 9.90 14.69
N GLY A 1 -7.28 1.72 16.15
CA GLY A 1 -6.54 0.47 16.11
C GLY A 1 -6.32 -0.03 14.69
N SER A 2 -6.39 -1.35 14.53
CA SER A 2 -6.19 -1.96 13.22
C SER A 2 -7.05 -3.21 13.07
N SER A 3 -7.33 -3.58 11.82
CA SER A 3 -8.15 -4.76 11.55
C SER A 3 -7.48 -6.02 12.10
N GLY A 4 -8.25 -6.79 12.86
CA GLY A 4 -7.73 -8.02 13.44
C GLY A 4 -7.74 -9.18 12.46
N SER A 5 -6.99 -9.04 11.37
CA SER A 5 -6.92 -10.08 10.35
C SER A 5 -5.49 -10.57 10.16
N SER A 6 -5.30 -11.89 10.26
CA SER A 6 -3.98 -12.48 10.10
C SER A 6 -3.66 -12.73 8.63
N GLY A 7 -3.12 -11.70 7.97
CA GLY A 7 -2.77 -11.83 6.57
C GLY A 7 -1.55 -12.69 6.34
N VAL A 8 -1.62 -13.56 5.33
CA VAL A 8 -0.51 -14.45 5.01
C VAL A 8 0.26 -13.94 3.81
N LYS A 9 0.67 -12.68 3.86
CA LYS A 9 1.44 -12.08 2.76
C LYS A 9 2.70 -11.40 3.29
N PRO A 10 3.78 -11.48 2.50
CA PRO A 10 5.06 -10.88 2.86
C PRO A 10 5.03 -9.36 2.82
N TYR A 11 4.09 -8.81 2.06
CA TYR A 11 3.94 -7.37 1.93
C TYR A 11 2.54 -6.92 2.31
N GLY A 12 2.42 -5.68 2.79
CA GLY A 12 1.13 -5.17 3.19
C GLY A 12 1.17 -3.67 3.44
N CYS A 13 0.21 -2.96 2.86
CA CYS A 13 0.13 -1.50 3.02
C CYS A 13 -0.48 -1.14 4.38
N SER A 14 0.19 -0.25 5.09
CA SER A 14 -0.29 0.19 6.40
C SER A 14 -0.86 1.60 6.34
N GLU A 15 -1.60 1.88 5.27
CA GLU A 15 -2.19 3.20 5.09
C GLU A 15 -3.68 3.08 4.73
N CYS A 16 -3.99 2.18 3.81
CA CYS A 16 -5.36 1.97 3.39
C CYS A 16 -5.84 0.56 3.75
N GLY A 17 -5.02 -0.43 3.41
CA GLY A 17 -5.38 -1.81 3.71
C GLY A 17 -5.37 -2.69 2.47
N LYS A 18 -4.17 -2.95 1.94
CA LYS A 18 -4.03 -3.78 0.76
C LYS A 18 -2.73 -4.58 0.81
N ALA A 19 -2.60 -5.56 -0.09
CA ALA A 19 -1.41 -6.40 -0.15
C ALA A 19 -0.91 -6.54 -1.58
N PHE A 20 0.27 -7.12 -1.74
CA PHE A 20 0.86 -7.33 -3.06
C PHE A 20 1.74 -8.57 -3.07
N ARG A 21 1.52 -9.43 -4.06
CA ARG A 21 2.29 -10.66 -4.20
C ARG A 21 3.76 -10.35 -4.46
N SER A 22 4.02 -9.22 -5.09
CA SER A 22 5.39 -8.81 -5.40
C SER A 22 5.78 -7.58 -4.60
N LYS A 23 7.05 -7.20 -4.72
CA LYS A 23 7.57 -6.03 -4.00
C LYS A 23 7.30 -4.75 -4.79
N SER A 24 7.94 -4.62 -5.93
CA SER A 24 7.79 -3.44 -6.78
C SER A 24 6.33 -3.00 -6.83
N TYR A 25 5.43 -3.97 -6.93
CA TYR A 25 4.00 -3.68 -6.99
C TYR A 25 3.58 -2.78 -5.83
N LEU A 26 3.88 -3.21 -4.62
CA LEU A 26 3.52 -2.44 -3.43
C LEU A 26 3.90 -0.97 -3.60
N ILE A 27 5.18 -0.73 -3.89
CA ILE A 27 5.67 0.63 -4.08
C ILE A 27 4.77 1.42 -5.03
N ILE A 28 4.61 0.91 -6.25
CA ILE A 28 3.77 1.57 -7.25
C ILE A 28 2.49 2.10 -6.61
N HIS A 29 1.92 1.34 -5.68
CA HIS A 29 0.70 1.74 -5.00
C HIS A 29 0.98 2.86 -4.00
N MET A 30 1.97 2.63 -3.13
CA MET A 30 2.33 3.62 -2.13
C MET A 30 2.38 5.02 -2.73
N ARG A 31 2.83 5.10 -3.98
CA ARG A 31 2.92 6.39 -4.66
C ARG A 31 1.79 7.32 -4.26
N THR A 32 0.56 6.89 -4.53
CA THR A 32 -0.61 7.68 -4.19
C THR A 32 -0.46 8.33 -2.82
N HIS A 33 -0.24 7.51 -1.80
CA HIS A 33 -0.08 8.01 -0.43
C HIS A 33 1.02 9.06 -0.37
N THR A 34 2.23 8.67 -0.78
CA THR A 34 3.36 9.58 -0.77
C THR A 34 3.34 10.52 -1.97
N GLY A 35 2.90 11.75 -1.75
CA GLY A 35 2.83 12.72 -2.83
C GLY A 35 1.50 13.45 -2.87
N GLU A 36 1.08 13.97 -1.72
CA GLU A 36 -0.17 14.69 -1.62
C GLU A 36 -0.09 16.04 -2.33
N LYS A 37 -1.24 16.60 -2.69
CA LYS A 37 -1.28 17.88 -3.37
C LYS A 37 -0.80 19.00 -2.46
N PRO A 38 0.03 19.91 -3.01
CA PRO A 38 0.57 21.04 -2.26
C PRO A 38 -0.49 22.08 -1.92
N SER A 39 -1.34 22.39 -2.89
CA SER A 39 -2.40 23.37 -2.70
C SER A 39 -3.71 22.90 -3.34
N GLY A 40 -4.74 22.74 -2.51
CA GLY A 40 -6.02 22.29 -3.01
C GLY A 40 -7.18 22.77 -2.15
N PRO A 41 -7.49 24.07 -2.24
CA PRO A 41 -8.58 24.68 -1.47
C PRO A 41 -9.95 24.21 -1.94
N SER A 42 -10.74 23.66 -1.02
CA SER A 42 -12.07 23.17 -1.35
C SER A 42 -12.99 23.28 -0.14
N SER A 43 -14.14 23.92 -0.34
CA SER A 43 -15.12 24.10 0.73
C SER A 43 -16.51 23.69 0.27
N GLY A 44 -17.36 23.32 1.23
CA GLY A 44 -18.72 22.91 0.91
C GLY A 44 -19.76 23.80 1.56
N GLY A 1 -11.00 -22.44 7.36
CA GLY A 1 -10.78 -21.44 8.40
C GLY A 1 -9.32 -21.21 8.68
N SER A 2 -8.77 -21.97 9.63
CA SER A 2 -7.37 -21.83 10.00
C SER A 2 -6.46 -22.43 8.92
N SER A 3 -5.70 -21.57 8.25
CA SER A 3 -4.80 -22.00 7.19
C SER A 3 -3.37 -22.09 7.71
N GLY A 4 -3.21 -22.63 8.91
CA GLY A 4 -1.88 -22.76 9.50
C GLY A 4 -1.08 -21.48 9.41
N SER A 5 0.19 -21.60 9.00
CA SER A 5 1.07 -20.44 8.87
C SER A 5 1.37 -20.16 7.41
N SER A 6 0.46 -19.44 6.75
CA SER A 6 0.63 -19.10 5.34
C SER A 6 1.49 -17.84 5.19
N GLY A 7 2.15 -17.72 4.05
CA GLY A 7 3.00 -16.57 3.80
C GLY A 7 3.14 -16.27 2.32
N VAL A 8 2.03 -15.93 1.67
CA VAL A 8 2.04 -15.62 0.25
C VAL A 8 2.07 -14.11 0.02
N LYS A 9 1.62 -13.36 1.02
CA LYS A 9 1.60 -11.90 0.93
C LYS A 9 2.63 -11.28 1.88
N PRO A 10 3.90 -11.25 1.44
CA PRO A 10 4.99 -10.69 2.23
C PRO A 10 4.89 -9.17 2.36
N TYR A 11 4.10 -8.56 1.49
CA TYR A 11 3.92 -7.11 1.49
C TYR A 11 2.46 -6.74 1.78
N GLY A 12 2.25 -5.53 2.26
CA GLY A 12 0.91 -5.06 2.57
C GLY A 12 0.89 -3.64 3.07
N CYS A 13 0.00 -2.82 2.50
CA CYS A 13 -0.11 -1.43 2.90
C CYS A 13 -0.96 -1.29 4.17
N SER A 14 -0.35 -0.78 5.23
CA SER A 14 -1.04 -0.60 6.50
C SER A 14 -1.90 0.66 6.47
N GLU A 15 -1.40 1.70 5.82
CA GLU A 15 -2.12 2.96 5.73
C GLU A 15 -3.61 2.72 5.50
N CYS A 16 -3.93 2.06 4.40
CA CYS A 16 -5.32 1.76 4.06
C CYS A 16 -5.66 0.30 4.37
N GLY A 17 -4.75 -0.60 4.00
CA GLY A 17 -4.97 -2.01 4.24
C GLY A 17 -5.03 -2.82 2.96
N LYS A 18 -3.93 -2.85 2.21
CA LYS A 18 -3.88 -3.58 0.96
C LYS A 18 -2.72 -4.59 0.98
N ALA A 19 -2.75 -5.51 0.02
CA ALA A 19 -1.71 -6.53 -0.08
C ALA A 19 -1.07 -6.54 -1.46
N PHE A 20 0.13 -7.10 -1.55
CA PHE A 20 0.85 -7.16 -2.82
C PHE A 20 1.84 -8.32 -2.81
N ARG A 21 1.72 -9.21 -3.80
CA ARG A 21 2.61 -10.36 -3.91
C ARG A 21 3.90 -9.98 -4.63
N SER A 22 4.35 -8.74 -4.43
CA SER A 22 5.57 -8.25 -5.07
C SER A 22 5.96 -6.89 -4.52
N LYS A 23 7.23 -6.75 -4.13
CA LYS A 23 7.74 -5.49 -3.59
C LYS A 23 7.34 -4.32 -4.48
N SER A 24 7.85 -4.32 -5.70
CA SER A 24 7.56 -3.25 -6.65
C SER A 24 6.07 -2.93 -6.67
N TYR A 25 5.27 -3.95 -7.00
CA TYR A 25 3.82 -3.77 -7.06
C TYR A 25 3.33 -2.86 -5.95
N LEU A 26 3.86 -3.06 -4.74
CA LEU A 26 3.47 -2.24 -3.59
C LEU A 26 3.85 -0.79 -3.82
N ILE A 27 5.11 -0.54 -4.12
CA ILE A 27 5.61 0.80 -4.36
C ILE A 27 4.66 1.59 -5.25
N ILE A 28 4.06 0.90 -6.21
CA ILE A 28 3.11 1.53 -7.13
C ILE A 28 1.89 2.07 -6.39
N HIS A 29 1.48 1.35 -5.35
CA HIS A 29 0.33 1.75 -4.55
C HIS A 29 0.76 2.63 -3.39
N MET A 30 2.01 2.49 -2.97
CA MET A 30 2.54 3.27 -1.86
C MET A 30 3.02 4.64 -2.35
N ARG A 31 3.32 4.73 -3.64
CA ARG A 31 3.80 5.98 -4.23
C ARG A 31 2.62 6.92 -4.51
N THR A 32 1.47 6.34 -4.82
CA THR A 32 0.29 7.13 -5.12
C THR A 32 -0.29 7.76 -3.86
N HIS A 33 -0.09 7.09 -2.72
CA HIS A 33 -0.59 7.59 -1.44
C HIS A 33 0.01 8.95 -1.13
N THR A 34 1.35 9.01 -1.09
CA THR A 34 2.04 10.26 -0.79
C THR A 34 3.05 10.59 -1.88
N GLY A 35 3.22 11.89 -2.15
CA GLY A 35 4.16 12.32 -3.17
C GLY A 35 4.11 13.82 -3.41
N GLU A 36 4.02 14.59 -2.32
CA GLU A 36 3.97 16.04 -2.42
C GLU A 36 3.17 16.47 -3.65
N LYS A 37 2.13 15.71 -3.97
CA LYS A 37 1.29 16.01 -5.12
C LYS A 37 0.70 17.41 -5.01
N PRO A 38 0.56 18.09 -6.16
CA PRO A 38 0.01 19.44 -6.21
C PRO A 38 -1.50 19.46 -5.92
N SER A 39 -1.86 20.05 -4.79
CA SER A 39 -3.26 20.13 -4.38
C SER A 39 -3.81 21.53 -4.62
N GLY A 40 -4.99 21.60 -5.24
CA GLY A 40 -5.61 22.89 -5.51
C GLY A 40 -6.57 22.84 -6.69
N PRO A 41 -6.01 22.62 -7.89
CA PRO A 41 -6.82 22.54 -9.12
C PRO A 41 -7.67 21.28 -9.17
N SER A 42 -7.62 20.48 -8.10
CA SER A 42 -8.39 19.25 -8.03
C SER A 42 -9.73 19.40 -8.74
N SER A 43 -10.08 18.41 -9.56
CA SER A 43 -11.34 18.43 -10.30
C SER A 43 -12.48 17.91 -9.43
N GLY A 44 -13.70 18.37 -9.74
CA GLY A 44 -14.86 17.93 -8.98
C GLY A 44 -15.47 16.67 -9.54
N GLY A 1 -18.34 -19.19 0.29
CA GLY A 1 -17.90 -20.01 -0.82
C GLY A 1 -17.58 -21.43 -0.40
N SER A 2 -17.52 -22.34 -1.38
CA SER A 2 -17.22 -23.73 -1.10
C SER A 2 -15.87 -23.87 -0.38
N SER A 3 -14.86 -23.20 -0.91
CA SER A 3 -13.53 -23.25 -0.33
C SER A 3 -12.72 -22.00 -0.72
N GLY A 4 -11.56 -21.84 -0.10
CA GLY A 4 -10.71 -20.70 -0.39
C GLY A 4 -9.26 -20.96 -0.04
N SER A 5 -8.35 -20.30 -0.77
CA SER A 5 -6.92 -20.46 -0.53
C SER A 5 -6.24 -19.11 -0.38
N SER A 6 -5.33 -19.02 0.59
CA SER A 6 -4.61 -17.79 0.85
C SER A 6 -3.22 -17.82 0.20
N GLY A 7 -2.61 -16.65 0.08
CA GLY A 7 -1.28 -16.56 -0.52
C GLY A 7 -0.35 -15.69 0.29
N VAL A 8 0.80 -16.25 0.65
CA VAL A 8 1.80 -15.51 1.43
C VAL A 8 1.82 -14.05 1.05
N LYS A 9 1.52 -13.18 2.01
CA LYS A 9 1.50 -11.75 1.77
C LYS A 9 2.53 -11.04 2.66
N PRO A 10 3.80 -11.10 2.26
CA PRO A 10 4.90 -10.46 3.01
C PRO A 10 4.85 -8.94 2.94
N TYR A 11 4.11 -8.43 1.96
CA TYR A 11 3.97 -6.99 1.78
C TYR A 11 2.51 -6.56 1.88
N GLY A 12 2.23 -5.67 2.84
CA GLY A 12 0.87 -5.19 3.01
C GLY A 12 0.82 -3.75 3.48
N CYS A 13 0.23 -2.89 2.67
CA CYS A 13 0.11 -1.47 2.99
C CYS A 13 -0.87 -1.26 4.14
N SER A 14 -0.38 -0.75 5.26
CA SER A 14 -1.22 -0.50 6.43
C SER A 14 -2.06 0.75 6.23
N GLU A 15 -1.46 1.77 5.61
CA GLU A 15 -2.16 3.02 5.36
C GLU A 15 -3.62 2.78 5.01
N CYS A 16 -3.85 2.06 3.91
CA CYS A 16 -5.20 1.75 3.47
C CYS A 16 -5.58 0.33 3.84
N GLY A 17 -4.64 -0.59 3.66
CA GLY A 17 -4.89 -1.98 3.98
C GLY A 17 -4.94 -2.87 2.74
N LYS A 18 -3.83 -2.90 2.00
CA LYS A 18 -3.75 -3.69 0.79
C LYS A 18 -2.55 -4.63 0.85
N ALA A 19 -2.42 -5.49 -0.16
CA ALA A 19 -1.32 -6.44 -0.23
C ALA A 19 -0.82 -6.60 -1.66
N PHE A 20 0.37 -7.18 -1.81
CA PHE A 20 0.97 -7.39 -3.11
C PHE A 20 1.94 -8.55 -3.09
N ARG A 21 1.63 -9.60 -3.85
CA ARG A 21 2.48 -10.79 -3.91
C ARG A 21 3.94 -10.39 -4.10
N SER A 22 4.17 -9.32 -4.86
CA SER A 22 5.52 -8.84 -5.12
C SER A 22 5.78 -7.51 -4.43
N LYS A 23 7.00 -7.01 -4.55
CA LYS A 23 7.37 -5.74 -3.93
C LYS A 23 6.99 -4.57 -4.84
N SER A 24 7.51 -4.58 -6.06
CA SER A 24 7.24 -3.52 -7.02
C SER A 24 5.78 -3.08 -6.94
N TYR A 25 4.87 -4.04 -6.94
CA TYR A 25 3.44 -3.75 -6.87
C TYR A 25 3.14 -2.83 -5.69
N LEU A 26 3.77 -3.10 -4.55
CA LEU A 26 3.56 -2.29 -3.36
C LEU A 26 3.95 -0.83 -3.61
N ILE A 27 5.19 -0.63 -4.05
CA ILE A 27 5.67 0.72 -4.33
C ILE A 27 4.71 1.48 -5.22
N ILE A 28 4.53 0.99 -6.45
CA ILE A 28 3.63 1.62 -7.40
C ILE A 28 2.34 2.08 -6.72
N HIS A 29 1.94 1.35 -5.69
CA HIS A 29 0.72 1.69 -4.95
C HIS A 29 1.01 2.70 -3.85
N MET A 30 2.22 2.62 -3.28
CA MET A 30 2.62 3.53 -2.23
C MET A 30 3.18 4.83 -2.80
N ARG A 31 2.90 5.07 -4.08
CA ARG A 31 3.38 6.27 -4.75
C ARG A 31 2.38 7.41 -4.58
N THR A 32 1.09 7.09 -4.61
CA THR A 32 0.04 8.10 -4.46
C THR A 32 -0.13 8.48 -3.00
N HIS A 33 0.19 7.55 -2.10
CA HIS A 33 0.06 7.80 -0.66
C HIS A 33 0.90 9.01 -0.25
N THR A 34 2.19 8.98 -0.60
CA THR A 34 3.10 10.07 -0.26
C THR A 34 3.35 10.97 -1.47
N GLY A 35 2.52 12.00 -1.62
CA GLY A 35 2.68 12.91 -2.73
C GLY A 35 1.79 12.55 -3.91
N GLU A 36 0.98 13.51 -4.35
CA GLU A 36 0.07 13.29 -5.47
C GLU A 36 0.69 13.77 -6.78
N LYS A 37 1.16 12.82 -7.59
CA LYS A 37 1.77 13.13 -8.87
C LYS A 37 2.48 14.49 -8.81
N PRO A 38 3.38 14.64 -7.83
CA PRO A 38 4.14 15.87 -7.64
C PRO A 38 5.16 16.11 -8.76
N SER A 39 4.79 16.90 -9.74
CA SER A 39 5.67 17.19 -10.87
C SER A 39 6.84 18.08 -10.42
N GLY A 40 7.86 17.45 -9.87
CA GLY A 40 9.02 18.19 -9.41
C GLY A 40 9.41 17.84 -7.99
N PRO A 41 10.71 17.87 -7.71
CA PRO A 41 11.24 17.56 -6.37
C PRO A 41 10.90 18.63 -5.35
N SER A 42 10.24 19.70 -5.80
CA SER A 42 9.85 20.80 -4.94
C SER A 42 8.38 21.13 -5.09
N SER A 43 7.88 22.00 -4.23
CA SER A 43 6.48 22.40 -4.27
C SER A 43 5.56 21.22 -3.94
N GLY A 44 5.94 20.46 -2.91
CA GLY A 44 5.14 19.32 -2.51
C GLY A 44 3.71 19.68 -2.22
N GLY A 1 -7.66 -26.73 9.91
CA GLY A 1 -8.14 -25.76 8.94
C GLY A 1 -7.23 -24.56 8.82
N SER A 2 -7.29 -23.89 7.67
CA SER A 2 -6.46 -22.71 7.42
C SER A 2 -6.76 -21.62 8.43
N SER A 3 -8.04 -21.39 8.70
CA SER A 3 -8.46 -20.37 9.65
C SER A 3 -7.57 -19.14 9.54
N GLY A 4 -7.25 -18.75 8.32
CA GLY A 4 -6.41 -17.59 8.10
C GLY A 4 -6.49 -17.06 6.67
N SER A 5 -5.36 -17.05 5.99
CA SER A 5 -5.32 -16.56 4.61
C SER A 5 -4.51 -17.51 3.73
N SER A 6 -5.08 -17.90 2.60
CA SER A 6 -4.42 -18.80 1.67
C SER A 6 -3.48 -18.04 0.75
N GLY A 7 -2.29 -17.72 1.26
CA GLY A 7 -1.32 -17.00 0.47
C GLY A 7 -0.46 -16.07 1.31
N VAL A 8 0.81 -16.43 1.47
CA VAL A 8 1.74 -15.62 2.27
C VAL A 8 1.97 -14.26 1.62
N LYS A 9 1.29 -13.24 2.16
CA LYS A 9 1.43 -11.89 1.64
C LYS A 9 2.26 -11.02 2.58
N PRO A 10 3.58 -11.04 2.39
CA PRO A 10 4.52 -10.26 3.21
C PRO A 10 4.41 -8.76 2.95
N TYR A 11 4.03 -8.41 1.73
CA TYR A 11 3.89 -7.00 1.35
C TYR A 11 2.44 -6.55 1.50
N GLY A 12 2.12 -5.94 2.64
CA GLY A 12 0.77 -5.47 2.88
C GLY A 12 0.74 -4.05 3.40
N CYS A 13 0.35 -3.11 2.56
CA CYS A 13 0.29 -1.71 2.94
C CYS A 13 -0.50 -1.53 4.25
N SER A 14 -0.05 -0.62 5.08
CA SER A 14 -0.70 -0.36 6.37
C SER A 14 -1.60 0.87 6.28
N GLU A 15 -1.16 1.87 5.52
CA GLU A 15 -1.92 3.10 5.35
C GLU A 15 -3.40 2.79 5.11
N CYS A 16 -3.67 2.02 4.07
CA CYS A 16 -5.04 1.65 3.73
C CYS A 16 -5.35 0.22 4.15
N GLY A 17 -4.42 -0.69 3.88
CA GLY A 17 -4.60 -2.08 4.25
C GLY A 17 -4.77 -2.98 3.05
N LYS A 18 -3.81 -2.93 2.13
CA LYS A 18 -3.86 -3.75 0.92
C LYS A 18 -2.69 -4.74 0.90
N ALA A 19 -2.63 -5.54 -0.15
CA ALA A 19 -1.57 -6.53 -0.31
C ALA A 19 -0.99 -6.52 -1.71
N PHE A 20 0.16 -7.14 -1.88
CA PHE A 20 0.82 -7.20 -3.18
C PHE A 20 1.78 -8.39 -3.25
N ARG A 21 1.37 -9.40 -4.02
CA ARG A 21 2.19 -10.60 -4.17
C ARG A 21 3.67 -10.24 -4.26
N SER A 22 3.98 -9.14 -4.94
CA SER A 22 5.35 -8.70 -5.10
C SER A 22 5.55 -7.32 -4.47
N LYS A 23 6.79 -7.03 -4.10
CA LYS A 23 7.12 -5.74 -3.48
C LYS A 23 6.88 -4.59 -4.46
N SER A 24 7.50 -4.68 -5.63
CA SER A 24 7.37 -3.63 -6.64
C SER A 24 5.93 -3.09 -6.66
N TYR A 25 4.97 -3.99 -6.82
CA TYR A 25 3.56 -3.60 -6.87
C TYR A 25 3.22 -2.65 -5.72
N LEU A 26 3.79 -2.93 -4.55
CA LEU A 26 3.55 -2.10 -3.37
C LEU A 26 4.04 -0.67 -3.61
N ILE A 27 5.26 -0.55 -4.10
CA ILE A 27 5.84 0.76 -4.37
C ILE A 27 4.91 1.61 -5.25
N ILE A 28 4.67 1.13 -6.45
CA ILE A 28 3.80 1.84 -7.39
C ILE A 28 2.46 2.18 -6.74
N HIS A 29 2.16 1.52 -5.63
CA HIS A 29 0.92 1.77 -4.90
C HIS A 29 1.13 2.74 -3.75
N MET A 30 2.38 2.83 -3.30
CA MET A 30 2.71 3.73 -2.19
C MET A 30 3.12 5.10 -2.72
N ARG A 31 3.69 5.13 -3.92
CA ARG A 31 4.11 6.38 -4.53
C ARG A 31 2.96 7.36 -4.66
N THR A 32 1.73 6.83 -4.72
CA THR A 32 0.54 7.65 -4.84
C THR A 32 0.04 8.09 -3.48
N HIS A 33 0.23 7.24 -2.48
CA HIS A 33 -0.21 7.54 -1.12
C HIS A 33 0.43 8.83 -0.62
N THR A 34 1.75 8.89 -0.65
CA THR A 34 2.47 10.07 -0.19
C THR A 34 1.97 11.33 -0.90
N GLY A 35 1.73 11.21 -2.20
CA GLY A 35 1.25 12.34 -2.97
C GLY A 35 2.34 12.98 -3.81
N GLU A 36 1.93 13.71 -4.84
CA GLU A 36 2.89 14.38 -5.72
C GLU A 36 2.70 15.89 -5.69
N LYS A 37 3.28 16.53 -4.67
CA LYS A 37 3.18 17.97 -4.53
C LYS A 37 3.76 18.68 -5.74
N PRO A 38 3.20 19.87 -6.06
CA PRO A 38 3.65 20.68 -7.20
C PRO A 38 5.04 21.27 -6.97
N SER A 39 5.53 21.18 -5.74
CA SER A 39 6.85 21.72 -5.40
C SER A 39 7.93 21.10 -6.28
N GLY A 40 8.24 21.79 -7.37
CA GLY A 40 9.26 21.32 -8.29
C GLY A 40 8.83 20.04 -9.00
N PRO A 41 9.65 19.61 -9.97
CA PRO A 41 9.39 18.40 -10.76
C PRO A 41 9.52 17.13 -9.92
N SER A 42 9.36 15.98 -10.58
CA SER A 42 9.46 14.69 -9.91
C SER A 42 10.92 14.22 -9.84
N SER A 43 11.52 14.05 -11.01
CA SER A 43 12.90 13.60 -11.09
C SER A 43 13.82 14.74 -11.52
N GLY A 44 13.55 15.29 -12.71
CA GLY A 44 14.37 16.38 -13.21
C GLY A 44 15.71 15.92 -13.74
N GLY A 1 -11.88 -16.10 9.72
CA GLY A 1 -10.51 -16.11 10.15
C GLY A 1 -10.35 -15.71 11.60
N SER A 2 -11.26 -16.18 12.44
CA SER A 2 -11.22 -15.87 13.87
C SER A 2 -9.79 -15.83 14.39
N SER A 3 -9.10 -16.97 14.30
CA SER A 3 -7.73 -17.07 14.76
C SER A 3 -6.96 -15.77 14.48
N GLY A 4 -6.96 -15.36 13.22
CA GLY A 4 -6.28 -14.13 12.84
C GLY A 4 -5.08 -14.40 11.95
N SER A 5 -5.31 -14.42 10.64
CA SER A 5 -4.24 -14.69 9.68
C SER A 5 -3.25 -13.53 9.65
N SER A 6 -2.27 -13.56 10.56
CA SER A 6 -1.27 -12.51 10.65
C SER A 6 0.07 -13.00 10.10
N GLY A 7 0.35 -12.68 8.85
CA GLY A 7 1.59 -13.10 8.23
C GLY A 7 1.39 -13.99 7.03
N VAL A 8 0.62 -13.50 6.05
CA VAL A 8 0.34 -14.27 4.85
C VAL A 8 0.98 -13.63 3.62
N LYS A 9 1.30 -12.34 3.74
CA LYS A 9 1.92 -11.61 2.64
C LYS A 9 3.16 -10.85 3.12
N PRO A 10 4.20 -10.82 2.26
CA PRO A 10 5.45 -10.14 2.57
C PRO A 10 5.30 -8.63 2.60
N TYR A 11 4.46 -8.10 1.71
CA TYR A 11 4.24 -6.67 1.63
C TYR A 11 2.75 -6.34 1.79
N GLY A 12 2.44 -5.38 2.65
CA GLY A 12 1.06 -5.00 2.87
C GLY A 12 0.93 -3.55 3.31
N CYS A 13 0.24 -2.75 2.49
CA CYS A 13 0.04 -1.34 2.80
C CYS A 13 -0.93 -1.17 3.97
N SER A 14 -0.47 -0.48 5.02
CA SER A 14 -1.30 -0.24 6.19
C SER A 14 -2.15 1.01 6.02
N GLU A 15 -1.62 1.99 5.29
CA GLU A 15 -2.33 3.23 5.05
C GLU A 15 -3.80 2.97 4.73
N CYS A 16 -4.05 2.20 3.68
CA CYS A 16 -5.40 1.86 3.26
C CYS A 16 -5.78 0.46 3.71
N GLY A 17 -4.87 -0.49 3.51
CA GLY A 17 -5.13 -1.86 3.91
C GLY A 17 -5.15 -2.80 2.73
N LYS A 18 -4.07 -2.83 1.96
CA LYS A 18 -3.97 -3.69 0.79
C LYS A 18 -2.79 -4.65 0.91
N ALA A 19 -2.69 -5.58 -0.02
CA ALA A 19 -1.60 -6.55 -0.03
C ALA A 19 -1.03 -6.75 -1.43
N PHE A 20 0.29 -6.94 -1.51
CA PHE A 20 0.95 -7.14 -2.79
C PHE A 20 1.92 -8.30 -2.72
N ARG A 21 1.67 -9.33 -3.53
CA ARG A 21 2.52 -10.51 -3.56
C ARG A 21 3.99 -10.12 -3.69
N SER A 22 4.26 -9.10 -4.51
CA SER A 22 5.63 -8.63 -4.72
C SER A 22 5.80 -7.22 -4.18
N LYS A 23 7.03 -6.73 -4.21
CA LYS A 23 7.33 -5.38 -3.72
C LYS A 23 7.14 -4.35 -4.83
N SER A 24 7.71 -4.64 -6.00
CA SER A 24 7.60 -3.72 -7.13
C SER A 24 6.15 -3.27 -7.33
N TYR A 25 5.22 -4.13 -6.97
CA TYR A 25 3.80 -3.82 -7.11
C TYR A 25 3.36 -2.82 -6.05
N LEU A 26 3.80 -3.02 -4.82
CA LEU A 26 3.45 -2.13 -3.72
C LEU A 26 3.78 -0.68 -4.07
N ILE A 27 5.02 -0.44 -4.49
CA ILE A 27 5.46 0.89 -4.86
C ILE A 27 4.42 1.59 -5.73
N ILE A 28 4.11 1.00 -6.87
CA ILE A 28 3.12 1.58 -7.78
C ILE A 28 1.93 2.13 -7.02
N HIS A 29 1.70 1.61 -5.82
CA HIS A 29 0.59 2.07 -4.99
C HIS A 29 1.06 3.10 -3.96
N MET A 30 2.11 2.75 -3.23
CA MET A 30 2.67 3.64 -2.22
C MET A 30 2.70 5.08 -2.72
N ARG A 31 2.86 5.24 -4.02
CA ARG A 31 2.91 6.57 -4.63
C ARG A 31 1.71 7.40 -4.21
N THR A 32 0.54 6.79 -4.23
CA THR A 32 -0.70 7.46 -3.85
C THR A 32 -0.66 7.91 -2.39
N HIS A 33 0.07 7.15 -1.57
CA HIS A 33 0.18 7.46 -0.15
C HIS A 33 1.36 8.40 0.11
N THR A 34 1.14 9.68 -0.15
CA THR A 34 2.18 10.68 0.05
C THR A 34 3.49 10.24 -0.58
N GLY A 35 3.43 9.87 -1.86
CA GLY A 35 4.63 9.44 -2.56
C GLY A 35 5.03 10.39 -3.67
N GLU A 36 4.31 10.33 -4.79
CA GLU A 36 4.60 11.19 -5.93
C GLU A 36 3.35 11.97 -6.35
N LYS A 37 2.58 12.42 -5.36
CA LYS A 37 1.37 13.18 -5.63
C LYS A 37 0.78 13.74 -4.34
N PRO A 38 0.34 15.01 -4.39
CA PRO A 38 -0.25 15.69 -3.24
C PRO A 38 -1.61 15.12 -2.86
N SER A 39 -1.80 14.80 -1.58
CA SER A 39 -3.05 14.25 -1.10
C SER A 39 -4.22 15.12 -1.53
N GLY A 40 -5.43 14.69 -1.17
CA GLY A 40 -6.62 15.44 -1.52
C GLY A 40 -7.71 15.35 -0.46
N PRO A 41 -8.75 14.56 -0.75
CA PRO A 41 -9.88 14.36 0.18
C PRO A 41 -9.48 13.56 1.42
N SER A 42 -10.43 13.38 2.32
CA SER A 42 -10.18 12.65 3.56
C SER A 42 -10.85 11.28 3.51
N SER A 43 -10.65 10.49 4.57
CA SER A 43 -11.23 9.16 4.65
C SER A 43 -12.52 9.18 5.47
N GLY A 44 -12.47 9.86 6.61
CA GLY A 44 -13.65 9.94 7.47
C GLY A 44 -14.95 10.00 6.68
#